data_2ZBG
#
_entry.id   2ZBG
#
_cell.length_a   177.500
_cell.length_b   70.200
_cell.length_c   143.400
_cell.angle_alpha   90.00
_cell.angle_beta   106.80
_cell.angle_gamma   90.00
#
_symmetry.space_group_name_H-M   'C 1 2 1'
#
loop_
_entity.id
_entity.type
_entity.pdbx_description
1 polymer 'Sarcoplasmic/endoplasmic reticulum calcium ATPase 1'
2 non-polymer 'MAGNESIUM ION'
3 non-polymer 'TETRAFLUOROALUMINATE ION'
4 non-polymer 'OCTANOIC ACID [3S-[3ALPHA, 3ABETA, 4ALPHA, 6BETA, 6ABETA, 7BETA, 8ALPHA(Z), 9BALPHA]]-6-(ACETYLOXY)-2,3,-3A,4,5,6,6A,7,8,9B-DECAHYDRO-3,3A-DIHYDROXY-3,6,9-TRIMETHYL-8-[(2-METHYL-1-OXO-2-BUTENYL)OX Y]-2-OXO-4-(1-OXOBUTOXY)-AZULENO[4,5-B]FURAN-7-YL ESTER'
5 water water
#
_entity_poly.entity_id   1
_entity_poly.type   'polypeptide(L)'
_entity_poly.pdbx_seq_one_letter_code
;(ACE)MEAAHSKSTEECLAYFGVSETTGLTPDQVKRHLEKYGHNELPAEEGKSLWELVIEQFEDLLVRILLLAACISFVL
AWFEEGEETITAFVEPFVILLILIANAIVGVWQERNAENAIEALKEYEPEMGKVYRADRKSVQRIKARDIVPGDIVEVAV
GDKVPADIRILSIKSTTLRVDQSILTGESVSVIKHTEPVPDPRAVNQDKKNMLFSGTNIAAGKALGIVATTGVSTEIGKI
RDQMAATEQDKTPLQQKLDEFGEQLSKVISLICVAVWLINIGHFNDPVHGGSWIRGAIYYFKIAVALAVAAIPEGLPAVI
TTCLALGTRRMAKKNAIVRSLPSVETLGCTSVICSDKTGTLTTNQMSVCKMFIIDKVDGDFCSLNEFSITGSTYAPEGEV
LKNDKPIRSGQFDGLVELATICALCNDSSLDFNETKGVYEKVGEATETALTTLVEKMNVFNTEVRNLSKVERANACNSVI
RQLMKKEFTLEFSRDRKSMSVYCSPAKSSRAAVGNKMFVKGAPEGVIDRCNYVRVGTTRVPMTGPVKEKILSVIKEWGTG
RDTLRCLALATRDTPPKREEMVLDDSSRFMEYETDLTFVGVVGMLDPPRKEVMGSIQLCRDAGIRVIMITGDNKGTAIAI
CRRIGIFGENEEVADRAYTGREFDDLPLAEQREACRRACCFARVEPSHKSKIVEYLQSYDEITAMTGDGVNDAPALKKAE
IGIAMGSGTAVAKTASEMVLADDNFSTIVAAVEEGRAIYNNMKQFIRYLISSNVGEVVCIFLTAALGLPEALIPVQLLWV
NLVTDGLPATALGFNPPDLDIMDRPPRSPKEPLISGWLFFRYMAIGGYVGAATVGAAAWWFMYAEDGPGVTYHQLTHFMQ
CTEDHPHFEGLDCEIFEAPEPMTMALSVLVTIEMCNALNSLSENQSLMRMPPWVNIWLLGSICLSMSLHFLILYVDPLPM
IFKLKALDLTQWLMVLKISLPVIGLDEILKFIARNYLEG
;
_entity_poly.pdbx_strand_id   A
#
loop_
_chem_comp.id
_chem_comp.type
_chem_comp.name
_chem_comp.formula
ACE non-polymer 'ACETYL GROUP' 'C2 H4 O'
ALF non-polymer 'TETRAFLUOROALUMINATE ION' 'Al F4 -1'
MG non-polymer 'MAGNESIUM ION' 'Mg 2'
TG1 non-polymer 'OCTANOIC ACID [3S-[3ALPHA, 3ABETA, 4ALPHA, 6BETA, 6ABETA, 7BETA, 8ALPHA(Z), 9BALPHA]]-6-(ACETYLOXY)-2,3,-3A,4,5,6,6A,7,8,9B-DECAHYDRO-3,3A-DIHYDROXY-3,6,9-TRIMETHYL-8-[(2-METHYL-1-OXO-2-BUTENYL)OX Y]-2-OXO-4-(1-OXOBUTOXY)-AZULENO[4,5-B]FURAN-7-YL ESTER' 'C34 H50 O12'
#
# COMPACT_ATOMS: atom_id res chain seq x y z
C ACE A 1 -13.32 17.16 27.60
O ACE A 1 -14.50 17.48 27.52
CH3 ACE A 1 -12.93 15.75 27.97
N MET A 2 -12.35 18.02 27.38
CA MET A 2 -12.67 19.40 27.01
C MET A 2 -12.51 19.58 25.52
N GLU A 3 -13.59 19.96 24.85
CA GLU A 3 -13.54 20.16 23.43
C GLU A 3 -12.99 21.55 23.13
N ALA A 4 -12.19 21.64 22.08
CA ALA A 4 -11.59 22.90 21.64
C ALA A 4 -10.76 23.64 22.68
N ALA A 5 -10.03 22.90 23.52
CA ALA A 5 -9.21 23.51 24.56
C ALA A 5 -8.15 24.44 24.01
N HIS A 6 -7.77 24.24 22.74
CA HIS A 6 -6.75 25.08 22.13
C HIS A 6 -7.27 26.51 21.91
N SER A 7 -8.58 26.67 21.80
CA SER A 7 -9.17 28.00 21.57
C SER A 7 -9.49 28.76 22.84
N LYS A 8 -9.18 28.16 23.99
CA LYS A 8 -9.45 28.81 25.27
C LYS A 8 -8.18 29.19 26.00
N SER A 9 -8.30 30.03 27.02
CA SER A 9 -7.14 30.45 27.80
C SER A 9 -6.80 29.43 28.87
N THR A 10 -5.63 29.59 29.48
CA THR A 10 -5.20 28.69 30.52
C THR A 10 -6.19 28.72 31.69
N GLU A 11 -6.69 29.90 32.03
CA GLU A 11 -7.64 30.05 33.12
C GLU A 11 -8.95 29.32 32.77
N GLU A 12 -9.43 29.56 31.56
CA GLU A 12 -10.66 28.93 31.11
C GLU A 12 -10.59 27.40 31.16
N CYS A 13 -9.41 26.83 30.88
CA CYS A 13 -9.25 25.38 30.89
C CYS A 13 -9.24 24.83 32.30
N LEU A 14 -8.58 25.54 33.22
CA LEU A 14 -8.53 25.12 34.61
C LEU A 14 -9.97 25.17 35.14
N ALA A 15 -10.64 26.28 34.83
CA ALA A 15 -12.01 26.48 35.27
C ALA A 15 -12.90 25.36 34.78
N TYR A 16 -12.83 25.07 33.50
CA TYR A 16 -13.65 24.03 32.89
C TYR A 16 -13.68 22.74 33.71
N PHE A 17 -12.55 22.32 34.26
CA PHE A 17 -12.52 21.10 35.06
C PHE A 17 -12.53 21.44 36.53
N GLY A 18 -12.45 22.73 36.83
CA GLY A 18 -12.42 23.16 38.22
C GLY A 18 -11.23 22.52 38.92
N VAL A 19 -10.03 22.81 38.42
CA VAL A 19 -8.83 22.25 39.02
C VAL A 19 -7.80 23.33 39.29
N SER A 20 -6.96 23.07 40.29
CA SER A 20 -5.91 24.00 40.66
C SER A 20 -4.59 23.59 40.00
N GLU A 21 -3.98 24.53 39.28
CA GLU A 21 -2.72 24.28 38.60
C GLU A 21 -1.68 23.92 39.65
N THR A 22 -1.90 24.41 40.86
CA THR A 22 -0.99 24.20 41.97
C THR A 22 -1.16 22.90 42.75
N THR A 23 -2.35 22.30 42.74
CA THR A 23 -2.53 21.07 43.52
C THR A 23 -2.93 19.85 42.71
N GLY A 24 -3.68 20.07 41.65
CA GLY A 24 -4.13 18.95 40.83
C GLY A 24 -5.43 18.37 41.36
N LEU A 25 -5.96 17.40 40.62
CA LEU A 25 -7.22 16.76 41.01
C LEU A 25 -7.16 16.07 42.36
N THR A 26 -8.32 15.98 43.00
CA THR A 26 -8.45 15.30 44.29
C THR A 26 -8.72 13.83 43.99
N PRO A 27 -8.54 12.95 44.97
CA PRO A 27 -8.80 11.53 44.71
C PRO A 27 -10.24 11.28 44.27
N ASP A 28 -11.14 12.16 44.69
CA ASP A 28 -12.55 12.03 44.32
C ASP A 28 -12.70 12.42 42.86
N GLN A 29 -12.21 13.61 42.51
CA GLN A 29 -12.27 14.10 41.14
C GLN A 29 -11.76 13.03 40.17
N VAL A 30 -10.64 12.40 40.53
CA VAL A 30 -10.05 11.36 39.70
C VAL A 30 -10.97 10.17 39.50
N LYS A 31 -11.60 9.71 40.58
CA LYS A 31 -12.51 8.56 40.46
C LYS A 31 -13.72 8.90 39.60
N ARG A 32 -14.26 10.10 39.80
CA ARG A 32 -15.41 10.56 39.05
C ARG A 32 -15.09 10.70 37.56
N HIS A 33 -13.92 11.28 37.25
CA HIS A 33 -13.51 11.46 35.85
C HIS A 33 -13.19 10.12 35.19
N LEU A 34 -12.54 9.25 35.94
CA LEU A 34 -12.16 7.93 35.43
C LEU A 34 -13.38 7.15 34.98
N GLU A 35 -14.48 7.32 35.70
CA GLU A 35 -15.73 6.62 35.38
C GLU A 35 -16.45 7.30 34.23
N LYS A 36 -16.39 8.62 34.22
CA LYS A 36 -17.05 9.40 33.17
C LYS A 36 -16.35 9.36 31.79
N TYR A 37 -15.04 9.20 31.79
CA TYR A 37 -14.29 9.19 30.52
C TYR A 37 -13.59 7.88 30.20
N GLY A 38 -13.50 6.98 31.14
CA GLY A 38 -12.82 5.72 30.88
C GLY A 38 -11.32 5.90 31.04
N HIS A 39 -10.56 4.86 30.71
CA HIS A 39 -9.10 4.90 30.83
C HIS A 39 -8.40 5.50 29.59
N ASN A 40 -7.25 6.12 29.82
CA ASN A 40 -6.47 6.74 28.77
C ASN A 40 -5.77 5.65 27.98
N GLU A 41 -6.54 4.98 27.14
CA GLU A 41 -6.01 3.86 26.39
C GLU A 41 -6.71 3.65 25.05
N LEU A 42 -5.95 3.14 24.08
CA LEU A 42 -6.48 2.86 22.76
C LEU A 42 -7.00 1.43 22.82
N PRO A 43 -8.29 1.23 22.54
CA PRO A 43 -8.85 -0.12 22.57
C PRO A 43 -8.11 -1.06 21.62
N ALA A 44 -7.58 -2.15 22.17
CA ALA A 44 -6.85 -3.12 21.35
C ALA A 44 -7.84 -3.84 20.45
N GLU A 45 -7.40 -4.14 19.24
CA GLU A 45 -8.25 -4.84 18.30
C GLU A 45 -7.58 -6.12 17.84
N GLU A 46 -8.03 -7.25 18.41
CA GLU A 46 -7.46 -8.55 18.06
C GLU A 46 -8.04 -9.06 16.74
N GLY A 47 -7.21 -9.71 15.95
CA GLY A 47 -7.66 -10.25 14.68
C GLY A 47 -8.72 -11.33 14.85
N LYS A 48 -9.39 -11.66 13.75
CA LYS A 48 -10.44 -12.68 13.76
C LYS A 48 -9.91 -13.99 14.35
N SER A 49 -10.74 -14.65 15.15
CA SER A 49 -10.35 -15.91 15.77
C SER A 49 -10.10 -17.00 14.73
N LEU A 50 -9.47 -18.09 15.14
CA LEU A 50 -9.17 -19.20 14.25
C LEU A 50 -10.44 -19.79 13.63
N TRP A 51 -11.52 -19.76 14.41
CA TRP A 51 -12.79 -20.36 13.96
C TRP A 51 -13.43 -19.49 12.87
N GLU A 52 -13.29 -18.20 13.02
CA GLU A 52 -13.91 -17.22 12.11
C GLU A 52 -13.30 -17.32 10.72
N LEU A 53 -12.01 -17.34 10.73
CA LEU A 53 -11.21 -17.40 9.49
C LEU A 53 -11.79 -18.48 8.56
N VAL A 54 -11.95 -19.66 9.11
CA VAL A 54 -12.48 -20.81 8.36
C VAL A 54 -13.89 -20.49 7.83
N ILE A 55 -14.82 -20.25 8.73
CA ILE A 55 -16.23 -19.96 8.37
C ILE A 55 -16.29 -18.91 7.24
N GLU A 56 -15.48 -17.88 7.38
CA GLU A 56 -15.40 -16.82 6.37
C GLU A 56 -15.02 -17.41 5.02
N GLN A 57 -14.36 -18.54 5.11
CA GLN A 57 -13.87 -19.29 3.95
C GLN A 57 -15.03 -19.84 3.13
N PHE A 58 -16.04 -20.23 3.81
CA PHE A 58 -17.18 -20.87 3.15
C PHE A 58 -18.22 -19.78 2.74
N GLU A 59 -18.12 -18.63 3.37
CA GLU A 59 -19.02 -17.49 3.11
C GLU A 59 -19.29 -17.28 1.59
N ASP A 60 -18.38 -17.76 0.75
CA ASP A 60 -18.51 -17.62 -0.73
C ASP A 60 -19.72 -18.43 -1.25
N LEU A 61 -20.50 -17.79 -2.12
CA LEU A 61 -21.71 -18.42 -2.72
C LEU A 61 -21.33 -19.71 -3.44
N LEU A 62 -20.43 -19.62 -4.42
CA LEU A 62 -20.01 -20.81 -5.17
C LEU A 62 -19.52 -21.90 -4.22
N VAL A 63 -18.99 -21.50 -3.07
CA VAL A 63 -18.49 -22.47 -2.10
C VAL A 63 -19.63 -23.06 -1.29
N ARG A 64 -20.69 -22.28 -1.07
CA ARG A 64 -21.84 -22.77 -0.32
C ARG A 64 -22.78 -23.57 -1.21
N ILE A 65 -22.65 -23.39 -2.52
CA ILE A 65 -23.47 -24.13 -3.47
C ILE A 65 -22.81 -25.47 -3.75
N LEU A 66 -21.49 -25.48 -3.73
CA LEU A 66 -20.72 -26.70 -3.98
C LEU A 66 -20.70 -27.53 -2.70
N LEU A 67 -21.18 -26.95 -1.61
CA LEU A 67 -21.23 -27.62 -0.32
C LEU A 67 -22.60 -28.29 -0.18
N LEU A 68 -23.63 -27.59 -0.65
CA LEU A 68 -25.00 -28.10 -0.60
C LEU A 68 -25.09 -29.36 -1.43
N ALA A 69 -24.50 -29.30 -2.63
CA ALA A 69 -24.49 -30.43 -3.55
C ALA A 69 -23.69 -31.57 -2.94
N ALA A 70 -22.71 -31.24 -2.11
CA ALA A 70 -21.87 -32.23 -1.46
C ALA A 70 -22.71 -33.03 -0.46
N CYS A 71 -23.65 -32.35 0.19
CA CYS A 71 -24.53 -32.99 1.16
C CYS A 71 -25.52 -33.90 0.45
N ILE A 72 -26.16 -33.38 -0.59
CA ILE A 72 -27.14 -34.16 -1.35
C ILE A 72 -26.41 -35.34 -1.99
N SER A 73 -25.10 -35.19 -2.19
CA SER A 73 -24.28 -36.25 -2.77
C SER A 73 -24.00 -37.31 -1.73
N PHE A 74 -24.23 -36.96 -0.46
CA PHE A 74 -24.00 -37.89 0.64
C PHE A 74 -25.32 -38.48 1.11
N VAL A 75 -26.40 -37.72 0.98
CA VAL A 75 -27.73 -38.19 1.38
C VAL A 75 -28.17 -39.32 0.46
N LEU A 76 -27.79 -39.21 -0.81
CA LEU A 76 -28.12 -40.21 -1.82
C LEU A 76 -26.94 -41.14 -2.07
N ALA A 77 -25.97 -41.13 -1.16
CA ALA A 77 -24.81 -42.00 -1.28
C ALA A 77 -25.15 -43.36 -0.69
N TRP A 78 -26.30 -43.44 -0.03
CA TRP A 78 -26.78 -44.68 0.57
C TRP A 78 -27.51 -45.53 -0.46
N PHE A 79 -28.46 -44.91 -1.17
CA PHE A 79 -29.25 -45.59 -2.19
C PHE A 79 -28.38 -46.16 -3.31
N GLU A 80 -27.97 -47.42 -3.15
CA GLU A 80 -27.13 -48.10 -4.12
C GLU A 80 -27.10 -49.60 -3.87
N GLU A 81 -26.87 -50.39 -4.91
CA GLU A 81 -26.81 -51.84 -4.79
C GLU A 81 -25.38 -52.36 -4.67
N GLY A 82 -25.22 -53.67 -4.84
CA GLY A 82 -23.90 -54.27 -4.72
C GLY A 82 -23.09 -54.37 -6.01
N GLU A 83 -23.64 -53.89 -7.11
CA GLU A 83 -22.94 -53.95 -8.40
C GLU A 83 -21.77 -52.98 -8.37
N GLU A 84 -21.95 -51.87 -7.65
CA GLU A 84 -20.93 -50.85 -7.52
C GLU A 84 -20.82 -50.44 -6.06
N THR A 85 -21.15 -51.36 -5.17
CA THR A 85 -21.11 -51.13 -3.74
C THR A 85 -19.66 -51.03 -3.23
N ILE A 86 -18.71 -51.04 -4.16
CA ILE A 86 -17.30 -50.95 -3.81
C ILE A 86 -16.81 -49.50 -3.81
N THR A 87 -17.57 -48.62 -4.45
CA THR A 87 -17.25 -47.19 -4.53
C THR A 87 -18.55 -46.40 -4.56
N ALA A 88 -19.08 -46.07 -3.38
CA ALA A 88 -20.34 -45.33 -3.28
C ALA A 88 -20.20 -43.95 -2.65
N PHE A 89 -19.16 -43.76 -1.85
CA PHE A 89 -18.94 -42.48 -1.19
C PHE A 89 -17.63 -41.83 -1.62
N VAL A 90 -17.14 -42.19 -2.81
CA VAL A 90 -15.89 -41.63 -3.33
C VAL A 90 -16.12 -40.19 -3.79
N GLU A 91 -17.37 -39.87 -4.10
CA GLU A 91 -17.74 -38.53 -4.55
C GLU A 91 -17.95 -37.60 -3.36
N PRO A 92 -18.78 -38.00 -2.38
CA PRO A 92 -19.01 -37.16 -1.22
C PRO A 92 -17.72 -36.88 -0.46
N PHE A 93 -16.65 -37.60 -0.84
CA PHE A 93 -15.35 -37.45 -0.21
C PHE A 93 -14.50 -36.37 -0.91
N VAL A 94 -14.22 -36.56 -2.19
CA VAL A 94 -13.41 -35.61 -2.95
C VAL A 94 -14.09 -34.25 -3.08
N ILE A 95 -15.41 -34.22 -2.87
CA ILE A 95 -16.18 -32.97 -2.99
C ILE A 95 -15.97 -32.07 -1.78
N LEU A 96 -15.81 -32.67 -0.60
CA LEU A 96 -15.59 -31.92 0.64
C LEU A 96 -14.11 -31.91 0.98
N LEU A 97 -13.34 -32.73 0.27
CA LEU A 97 -11.90 -32.82 0.49
C LEU A 97 -11.28 -31.53 -0.02
N ILE A 98 -11.67 -31.14 -1.23
CA ILE A 98 -11.17 -29.92 -1.84
C ILE A 98 -11.70 -28.70 -1.07
N LEU A 99 -12.96 -28.77 -0.67
CA LEU A 99 -13.59 -27.69 0.08
C LEU A 99 -12.78 -27.38 1.33
N ILE A 100 -12.48 -28.40 2.12
CA ILE A 100 -11.71 -28.24 3.34
C ILE A 100 -10.23 -28.10 3.03
N ALA A 101 -9.87 -28.42 1.77
CA ALA A 101 -8.47 -28.33 1.36
C ALA A 101 -8.06 -26.86 1.22
N ASN A 102 -8.89 -26.12 0.52
CA ASN A 102 -8.65 -24.68 0.29
C ASN A 102 -8.98 -23.91 1.55
N ALA A 103 -10.03 -24.35 2.21
CA ALA A 103 -10.44 -23.72 3.44
C ALA A 103 -9.25 -23.70 4.39
N ILE A 104 -8.72 -24.87 4.67
CA ILE A 104 -7.57 -24.98 5.57
C ILE A 104 -6.41 -24.11 5.05
N VAL A 105 -5.91 -24.43 3.86
CA VAL A 105 -4.79 -23.67 3.26
C VAL A 105 -5.10 -22.16 3.26
N GLY A 106 -6.32 -21.84 2.87
CA GLY A 106 -6.82 -20.46 2.79
C GLY A 106 -6.41 -19.64 4.03
N VAL A 107 -6.70 -20.22 5.19
CA VAL A 107 -6.38 -19.59 6.49
C VAL A 107 -4.88 -19.60 6.73
N TRP A 108 -4.15 -20.35 5.90
CA TRP A 108 -2.70 -20.47 6.06
C TRP A 108 -1.99 -19.24 5.49
N GLN A 109 -2.75 -18.37 4.86
CA GLN A 109 -2.19 -17.16 4.29
C GLN A 109 -2.70 -15.93 5.06
N GLU A 110 -4.00 -15.90 5.25
CA GLU A 110 -4.68 -14.77 5.94
C GLU A 110 -4.38 -14.62 7.46
N ARG A 111 -4.29 -15.74 8.17
CA ARG A 111 -4.04 -15.71 9.64
C ARG A 111 -2.63 -15.23 9.97
N ASN A 112 -1.88 -15.04 8.91
CA ASN A 112 -0.48 -14.58 8.99
C ASN A 112 -0.42 -13.11 8.55
N ALA A 113 -0.75 -12.23 9.49
CA ALA A 113 -0.75 -10.78 9.23
C ALA A 113 -0.54 -10.01 10.54
N GLU A 114 0.28 -8.94 10.41
CA GLU A 114 0.60 -8.05 11.51
C GLU A 114 -0.55 -7.08 11.73
N ASN A 115 -0.81 -6.72 12.99
CA ASN A 115 -1.89 -5.79 13.33
C ASN A 115 -1.37 -4.35 13.40
N ALA A 116 -2.04 -3.44 12.70
CA ALA A 116 -1.65 -2.03 12.67
C ALA A 116 -1.87 -1.26 13.97
N ILE A 117 -3.00 -1.51 14.64
CA ILE A 117 -3.27 -0.83 15.90
C ILE A 117 -2.26 -1.27 16.96
N GLU A 118 -1.83 -2.53 16.82
CA GLU A 118 -0.78 -2.94 17.75
C GLU A 118 0.42 -2.01 17.60
N ALA A 119 0.91 -1.92 16.39
CA ALA A 119 2.07 -1.07 16.06
C ALA A 119 1.82 0.36 16.54
N LEU A 120 0.60 0.85 16.36
CA LEU A 120 0.21 2.21 16.73
C LEU A 120 0.27 2.43 18.23
N LYS A 121 -0.18 1.46 19.02
CA LYS A 121 -0.16 1.62 20.46
C LYS A 121 1.25 1.64 21.03
N GLU A 122 2.24 1.43 20.18
CA GLU A 122 3.63 1.49 20.63
C GLU A 122 4.02 2.93 20.89
N TYR A 123 3.13 3.86 20.53
CA TYR A 123 3.41 5.28 20.75
C TYR A 123 2.76 5.72 22.04
N GLU A 124 2.05 4.80 22.69
CA GLU A 124 1.41 5.07 23.97
C GLU A 124 2.43 4.79 25.06
N PRO A 125 2.78 5.81 25.87
CA PRO A 125 3.76 5.58 26.93
C PRO A 125 3.14 4.76 28.07
N GLU A 126 3.96 4.00 28.77
CA GLU A 126 3.42 3.21 29.87
C GLU A 126 3.22 4.13 31.07
N MET A 127 4.13 5.09 31.23
CA MET A 127 4.08 6.01 32.36
C MET A 127 3.86 7.49 32.03
N GLY A 128 3.26 8.19 32.98
CA GLY A 128 3.00 9.61 32.82
C GLY A 128 3.31 10.29 34.14
N LYS A 129 3.34 11.61 34.16
CA LYS A 129 3.64 12.33 35.38
C LYS A 129 2.56 13.39 35.65
N VAL A 130 1.93 13.27 36.82
CA VAL A 130 0.87 14.19 37.22
C VAL A 130 1.07 14.82 38.60
N TYR A 131 0.26 15.83 38.87
CA TYR A 131 0.25 16.49 40.17
C TYR A 131 -1.16 16.31 40.69
N ARG A 132 -1.33 15.38 41.62
CA ARG A 132 -2.62 15.12 42.21
C ARG A 132 -2.66 15.78 43.60
N ALA A 133 -3.83 16.30 43.99
CA ALA A 133 -3.97 16.94 45.30
C ALA A 133 -3.56 15.93 46.37
N ASP A 134 -3.59 14.66 45.95
CA ASP A 134 -3.23 13.53 46.78
C ASP A 134 -1.92 13.75 47.55
N ARG A 135 -0.98 14.48 46.96
CA ARG A 135 0.31 14.74 47.60
C ARG A 135 1.07 15.89 46.94
N LYS A 136 2.09 16.38 47.63
CA LYS A 136 2.89 17.52 47.17
C LYS A 136 3.76 17.35 45.93
N SER A 137 4.65 16.37 45.95
CA SER A 137 5.53 16.15 44.81
C SER A 137 4.85 15.43 43.65
N VAL A 138 5.40 15.59 42.46
CA VAL A 138 4.86 14.97 41.25
C VAL A 138 4.90 13.44 41.33
N GLN A 139 3.79 12.81 40.94
CA GLN A 139 3.68 11.36 40.96
C GLN A 139 3.84 10.78 39.57
N ARG A 140 4.49 9.63 39.47
CA ARG A 140 4.71 8.98 38.19
C ARG A 140 3.83 7.74 38.18
N ILE A 141 2.76 7.79 37.40
CA ILE A 141 1.80 6.70 37.35
C ILE A 141 1.61 6.11 35.95
N LYS A 142 0.77 5.08 35.86
CA LYS A 142 0.48 4.43 34.60
C LYS A 142 -0.31 5.41 33.72
N ALA A 143 0.19 5.62 32.50
CA ALA A 143 -0.43 6.54 31.56
C ALA A 143 -1.93 6.29 31.43
N ARG A 144 -2.30 5.02 31.30
CA ARG A 144 -3.72 4.67 31.17
C ARG A 144 -4.57 5.14 32.35
N ASP A 145 -3.93 5.56 33.44
CA ASP A 145 -4.67 6.01 34.63
C ASP A 145 -4.86 7.52 34.65
N ILE A 146 -4.37 8.18 33.61
CA ILE A 146 -4.51 9.63 33.51
C ILE A 146 -5.90 9.94 32.97
N VAL A 147 -6.50 11.03 33.45
CA VAL A 147 -7.84 11.43 33.02
C VAL A 147 -7.91 12.90 32.64
N PRO A 148 -8.96 13.29 31.90
CA PRO A 148 -9.11 14.68 31.49
C PRO A 148 -9.08 15.51 32.77
N GLY A 149 -8.47 16.69 32.73
CA GLY A 149 -8.40 17.50 33.94
C GLY A 149 -7.11 17.27 34.72
N ASP A 150 -6.43 16.15 34.48
CA ASP A 150 -5.19 15.92 35.20
C ASP A 150 -4.17 17.02 34.86
N ILE A 151 -3.33 17.35 35.82
CA ILE A 151 -2.31 18.35 35.59
C ILE A 151 -1.03 17.54 35.39
N VAL A 152 -0.60 17.51 34.13
CA VAL A 152 0.57 16.74 33.73
C VAL A 152 1.85 17.52 33.46
N GLU A 153 2.96 16.84 33.67
CA GLU A 153 4.25 17.43 33.42
C GLU A 153 5.01 16.60 32.39
N VAL A 154 5.59 17.28 31.42
CA VAL A 154 6.39 16.63 30.38
C VAL A 154 7.79 17.25 30.35
N ALA A 155 8.78 16.41 30.08
CA ALA A 155 10.16 16.84 30.03
C ALA A 155 10.86 16.21 28.83
N VAL A 156 11.88 16.88 28.31
CA VAL A 156 12.64 16.38 27.17
C VAL A 156 12.80 14.87 27.22
N GLY A 157 12.54 14.22 26.08
CA GLY A 157 12.66 12.78 26.01
C GLY A 157 11.33 12.11 26.24
N ASP A 158 10.43 12.81 26.94
CA ASP A 158 9.11 12.26 27.23
C ASP A 158 8.24 12.05 25.99
N LYS A 159 7.46 10.99 26.05
CA LYS A 159 6.51 10.68 24.99
C LYS A 159 5.17 11.09 25.62
N VAL A 160 4.61 12.20 25.14
CA VAL A 160 3.34 12.76 25.63
C VAL A 160 2.24 11.73 25.89
N PRO A 161 1.74 11.67 27.14
CA PRO A 161 0.68 10.76 27.59
C PRO A 161 -0.75 10.95 27.09
N ALA A 162 -1.16 12.18 26.81
CA ALA A 162 -2.51 12.43 26.32
C ALA A 162 -2.58 13.79 25.61
N ASP A 163 -3.73 14.13 25.04
CA ASP A 163 -3.85 15.44 24.39
C ASP A 163 -3.95 16.48 25.51
N ILE A 164 -2.93 17.31 25.61
CA ILE A 164 -2.80 18.29 26.67
C ILE A 164 -2.75 19.74 26.23
N ARG A 165 -3.41 20.59 27.01
CA ARG A 165 -3.44 22.03 26.78
C ARG A 165 -2.28 22.52 27.64
N ILE A 166 -1.30 23.19 27.02
CA ILE A 166 -0.14 23.64 27.78
C ILE A 166 -0.48 24.79 28.71
N LEU A 167 -0.08 24.64 29.98
CA LEU A 167 -0.34 25.66 30.98
C LEU A 167 0.83 26.59 31.21
N SER A 168 1.99 26.02 31.52
CA SER A 168 3.16 26.83 31.80
C SER A 168 4.44 26.19 31.25
N ILE A 169 5.18 26.96 30.47
CA ILE A 169 6.42 26.46 29.91
C ILE A 169 7.57 26.83 30.85
N LYS A 170 8.17 25.83 31.47
CA LYS A 170 9.25 26.03 32.42
C LYS A 170 10.55 26.56 31.82
N SER A 171 10.94 26.01 30.68
CA SER A 171 12.17 26.42 30.02
C SER A 171 11.93 27.63 29.13
N THR A 172 12.99 28.09 28.47
CA THR A 172 12.88 29.25 27.61
C THR A 172 12.01 28.86 26.41
N THR A 173 12.02 27.58 26.07
CA THR A 173 11.19 27.12 24.98
C THR A 173 10.86 25.66 25.13
N LEU A 174 9.76 25.24 24.50
CA LEU A 174 9.34 23.86 24.54
C LEU A 174 9.40 23.44 23.07
N ARG A 175 10.24 22.45 22.76
CA ARG A 175 10.40 21.99 21.39
C ARG A 175 9.77 20.61 21.25
N VAL A 176 8.90 20.45 20.26
CA VAL A 176 8.23 19.17 20.08
C VAL A 176 8.31 18.58 18.67
N ASP A 177 8.43 17.25 18.64
CA ASP A 177 8.48 16.45 17.43
C ASP A 177 7.09 15.82 17.27
N GLN A 178 6.34 16.35 16.30
CA GLN A 178 4.99 15.89 16.03
C GLN A 178 4.92 15.10 14.74
N SER A 179 5.96 14.34 14.45
CA SER A 179 5.99 13.55 13.21
C SER A 179 4.92 12.47 13.13
N ILE A 180 4.40 12.00 14.26
CA ILE A 180 3.38 10.97 14.15
C ILE A 180 2.11 11.58 13.57
N LEU A 181 1.97 12.90 13.66
CA LEU A 181 0.78 13.57 13.11
C LEU A 181 1.09 14.36 11.84
N THR A 182 2.35 14.74 11.63
CA THR A 182 2.68 15.53 10.44
C THR A 182 3.69 14.90 9.48
N GLY A 183 4.45 13.92 9.96
CA GLY A 183 5.45 13.29 9.09
C GLY A 183 6.70 14.16 9.02
N GLU A 184 6.69 15.28 9.74
CA GLU A 184 7.83 16.20 9.78
C GLU A 184 8.48 16.05 11.15
N SER A 185 9.81 15.87 11.16
CA SER A 185 10.54 15.66 12.39
C SER A 185 11.00 16.95 13.03
N VAL A 186 11.01 18.04 12.26
CA VAL A 186 11.42 19.33 12.79
C VAL A 186 10.73 19.69 14.11
N SER A 187 11.48 20.31 15.02
CA SER A 187 10.95 20.72 16.31
C SER A 187 9.99 21.89 16.19
N VAL A 188 8.83 21.74 16.81
CA VAL A 188 7.82 22.78 16.82
C VAL A 188 8.00 23.52 18.14
N ILE A 189 7.97 24.86 18.10
CA ILE A 189 8.11 25.65 19.32
C ILE A 189 6.72 25.99 19.84
N LYS A 190 6.36 25.40 20.98
CA LYS A 190 5.05 25.66 21.58
C LYS A 190 5.00 26.97 22.37
N HIS A 191 3.79 27.36 22.74
CA HIS A 191 3.58 28.56 23.53
C HIS A 191 2.27 28.33 24.31
N THR A 192 1.91 29.21 25.23
CA THR A 192 0.69 29.02 26.02
C THR A 192 -0.53 29.85 25.64
N GLU A 193 -0.36 30.82 24.74
CA GLU A 193 -1.48 31.66 24.36
C GLU A 193 -2.58 30.91 23.59
N PRO A 194 -3.81 31.42 23.65
CA PRO A 194 -4.86 30.71 22.91
C PRO A 194 -4.69 30.85 21.41
N VAL A 195 -5.29 29.90 20.69
CA VAL A 195 -5.28 29.87 19.23
C VAL A 195 -6.78 29.92 18.86
N PRO A 196 -7.33 31.14 18.71
CA PRO A 196 -8.72 31.45 18.38
C PRO A 196 -9.46 30.53 17.44
N ASP A 197 -8.98 30.40 16.20
CA ASP A 197 -9.65 29.55 15.22
C ASP A 197 -10.01 28.17 15.79
N PRO A 198 -11.32 27.87 15.89
CA PRO A 198 -11.74 26.57 16.41
C PRO A 198 -11.57 25.43 15.39
N ARG A 199 -11.19 25.77 14.17
CA ARG A 199 -10.98 24.78 13.11
C ARG A 199 -9.49 24.66 12.78
N ALA A 200 -8.64 25.11 13.70
CA ALA A 200 -7.22 25.06 13.50
C ALA A 200 -6.76 23.62 13.33
N VAL A 201 -5.88 23.38 12.38
CA VAL A 201 -5.37 22.03 12.20
C VAL A 201 -4.26 21.85 13.24
N ASN A 202 -3.80 20.62 13.42
CA ASN A 202 -2.76 20.31 14.37
C ASN A 202 -1.54 21.22 14.26
N GLN A 203 -1.05 21.39 13.03
CA GLN A 203 0.12 22.24 12.81
C GLN A 203 -0.10 23.64 13.39
N ASP A 204 -1.35 24.03 13.55
CA ASP A 204 -1.69 25.34 14.07
C ASP A 204 -1.86 25.43 15.59
N LYS A 205 -2.15 24.30 16.21
CA LYS A 205 -2.37 24.28 17.65
C LYS A 205 -1.04 24.28 18.39
N LYS A 206 -0.36 25.41 18.40
CA LYS A 206 0.94 25.45 19.04
C LYS A 206 0.89 25.59 20.55
N ASN A 207 -0.32 25.51 21.10
CA ASN A 207 -0.50 25.59 22.55
C ASN A 207 -0.98 24.26 23.09
N MET A 208 -0.93 23.22 22.25
CA MET A 208 -1.35 21.87 22.63
C MET A 208 -0.21 20.86 22.49
N LEU A 209 -0.28 19.80 23.27
CA LEU A 209 0.68 18.71 23.22
C LEU A 209 -0.18 17.51 22.81
N PHE A 210 0.22 16.77 21.78
CA PHE A 210 -0.58 15.64 21.37
C PHE A 210 0.01 14.32 21.79
N SER A 211 -0.86 13.47 22.34
CA SER A 211 -0.47 12.16 22.81
C SER A 211 0.27 11.43 21.69
N GLY A 212 1.36 10.76 22.03
CA GLY A 212 2.12 10.04 21.03
C GLY A 212 3.30 10.82 20.48
N THR A 213 3.31 12.14 20.67
CA THR A 213 4.44 12.90 20.19
C THR A 213 5.49 12.89 21.29
N ASN A 214 6.64 13.48 21.04
CA ASN A 214 7.67 13.51 22.06
C ASN A 214 8.34 14.85 22.17
N ILE A 215 8.80 15.15 23.37
CA ILE A 215 9.45 16.41 23.67
C ILE A 215 10.91 16.37 23.20
N ALA A 216 11.25 17.29 22.31
CA ALA A 216 12.60 17.37 21.78
C ALA A 216 13.48 18.13 22.76
N ALA A 217 12.89 19.13 23.40
CA ALA A 217 13.61 19.95 24.36
C ALA A 217 12.64 20.76 25.22
N GLY A 218 13.00 20.97 26.48
CA GLY A 218 12.18 21.76 27.38
C GLY A 218 11.43 21.01 28.46
N LYS A 219 10.77 21.80 29.31
CA LYS A 219 9.97 21.25 30.40
C LYS A 219 8.69 22.06 30.45
N ALA A 220 7.56 21.38 30.61
CA ALA A 220 6.30 22.11 30.66
C ALA A 220 5.25 21.46 31.54
N LEU A 221 4.27 22.26 31.91
CA LEU A 221 3.18 21.80 32.73
C LEU A 221 1.90 22.00 31.93
N GLY A 222 1.01 21.02 31.95
CA GLY A 222 -0.23 21.17 31.20
C GLY A 222 -1.44 20.51 31.82
N ILE A 223 -2.60 20.74 31.20
CA ILE A 223 -3.84 20.15 31.69
C ILE A 223 -4.40 19.21 30.61
N VAL A 224 -4.76 17.99 31.00
CA VAL A 224 -5.28 17.07 30.02
C VAL A 224 -6.65 17.50 29.48
N ALA A 225 -6.75 17.58 28.15
CA ALA A 225 -7.98 17.98 27.50
C ALA A 225 -8.85 16.76 27.18
N THR A 226 -8.25 15.74 26.58
CA THR A 226 -8.96 14.52 26.22
C THR A 226 -8.02 13.33 26.26
N THR A 227 -8.58 12.13 26.39
CA THR A 227 -7.79 10.92 26.48
C THR A 227 -8.41 9.82 25.63
N GLY A 228 -7.84 8.63 25.73
CA GLY A 228 -8.37 7.49 24.98
C GLY A 228 -8.53 7.72 23.49
N VAL A 229 -9.69 7.34 22.95
CA VAL A 229 -9.97 7.50 21.54
C VAL A 229 -10.33 8.92 21.16
N SER A 230 -10.44 9.80 22.15
CA SER A 230 -10.76 11.21 21.90
C SER A 230 -9.54 12.08 21.63
N THR A 231 -8.46 11.46 21.17
CA THR A 231 -7.24 12.20 20.88
C THR A 231 -6.95 12.18 19.40
N GLU A 232 -5.93 12.94 18.99
CA GLU A 232 -5.55 12.96 17.58
C GLU A 232 -5.03 11.58 17.16
N ILE A 233 -4.29 10.90 18.04
CA ILE A 233 -3.81 9.56 17.68
C ILE A 233 -5.01 8.60 17.70
N GLY A 234 -6.05 8.95 18.45
CA GLY A 234 -7.25 8.14 18.50
C GLY A 234 -7.98 8.17 17.16
N LYS A 235 -8.06 9.33 16.52
CA LYS A 235 -8.71 9.41 15.23
C LYS A 235 -7.95 8.51 14.25
N ILE A 236 -6.62 8.48 14.36
CA ILE A 236 -5.84 7.62 13.49
C ILE A 236 -6.26 6.19 13.77
N ARG A 237 -6.34 5.87 15.06
CA ARG A 237 -6.72 4.54 15.52
C ARG A 237 -8.11 4.15 15.02
N ASP A 238 -9.05 5.08 15.06
CA ASP A 238 -10.42 4.79 14.61
C ASP A 238 -10.52 4.58 13.10
N GLN A 239 -9.73 5.32 12.33
CA GLN A 239 -9.78 5.16 10.88
C GLN A 239 -9.18 3.82 10.46
N MET A 240 -8.29 3.29 11.28
CA MET A 240 -7.68 2.02 10.95
C MET A 240 -8.57 0.86 11.39
N ALA A 241 -9.26 1.04 12.51
CA ALA A 241 -10.16 0.00 12.99
C ALA A 241 -11.20 -0.17 11.89
N ALA A 242 -12.06 0.84 11.76
CA ALA A 242 -13.11 0.84 10.75
C ALA A 242 -12.48 0.92 9.37
N THR A 243 -12.28 -0.23 8.74
CA THR A 243 -11.67 -0.29 7.42
C THR A 243 -12.25 -1.37 6.51
N GLU A 244 -11.66 -2.56 6.57
CA GLU A 244 -12.10 -3.68 5.74
C GLU A 244 -11.93 -3.30 4.26
N GLN A 245 -10.78 -3.63 3.69
CA GLN A 245 -10.50 -3.32 2.30
C GLN A 245 -11.59 -3.90 1.39
N ASP A 246 -11.94 -3.15 0.35
CA ASP A 246 -12.98 -3.55 -0.58
C ASP A 246 -12.51 -4.72 -1.46
N LYS A 247 -13.47 -5.45 -2.01
CA LYS A 247 -13.14 -6.58 -2.87
C LYS A 247 -12.48 -6.11 -4.15
N THR A 248 -11.33 -6.68 -4.47
CA THR A 248 -10.59 -6.32 -5.67
C THR A 248 -11.56 -6.30 -6.87
N PRO A 249 -11.20 -5.61 -7.96
CA PRO A 249 -12.08 -5.56 -9.13
C PRO A 249 -12.35 -6.93 -9.74
N LEU A 250 -11.35 -7.79 -9.72
CA LEU A 250 -11.49 -9.14 -10.26
C LEU A 250 -12.44 -9.97 -9.41
N GLN A 251 -12.27 -9.92 -8.09
CA GLN A 251 -13.13 -10.65 -7.16
C GLN A 251 -14.59 -10.28 -7.35
N GLN A 252 -14.84 -9.06 -7.83
CA GLN A 252 -16.20 -8.61 -8.04
C GLN A 252 -16.75 -9.26 -9.31
N LYS A 253 -15.89 -9.43 -10.31
CA LYS A 253 -16.31 -10.06 -11.55
C LYS A 253 -16.65 -11.52 -11.27
N LEU A 254 -15.91 -12.14 -10.35
CA LEU A 254 -16.16 -13.52 -9.97
C LEU A 254 -17.45 -13.59 -9.15
N ASP A 255 -17.56 -12.74 -8.14
CA ASP A 255 -18.75 -12.70 -7.30
C ASP A 255 -19.99 -12.44 -8.15
N GLU A 256 -19.78 -11.84 -9.32
CA GLU A 256 -20.87 -11.54 -10.23
C GLU A 256 -21.19 -12.80 -11.02
N PHE A 257 -20.13 -13.50 -11.41
CA PHE A 257 -20.25 -14.73 -12.17
C PHE A 257 -21.06 -15.77 -11.40
N GLY A 258 -20.60 -16.12 -10.20
CA GLY A 258 -21.30 -17.09 -9.39
C GLY A 258 -22.65 -16.57 -8.94
N GLU A 259 -22.86 -15.28 -9.10
CA GLU A 259 -24.13 -14.65 -8.72
C GLU A 259 -25.17 -15.09 -9.75
N GLN A 260 -24.72 -15.27 -10.99
CA GLN A 260 -25.58 -15.68 -12.08
C GLN A 260 -25.60 -17.19 -12.24
N LEU A 261 -24.47 -17.83 -11.98
CA LEU A 261 -24.37 -19.28 -12.08
C LEU A 261 -25.44 -19.93 -11.21
N SER A 262 -25.72 -19.31 -10.07
CA SER A 262 -26.73 -19.81 -9.15
C SER A 262 -28.11 -19.68 -9.77
N LYS A 263 -28.27 -18.69 -10.64
CA LYS A 263 -29.55 -18.47 -11.32
C LYS A 263 -29.67 -19.37 -12.55
N VAL A 264 -28.59 -19.50 -13.26
CA VAL A 264 -28.63 -20.27 -14.51
C VAL A 264 -28.94 -21.74 -14.21
N ILE A 265 -28.17 -22.29 -13.28
CA ILE A 265 -28.30 -23.69 -12.88
C ILE A 265 -29.69 -23.96 -12.31
N SER A 266 -30.12 -23.12 -11.41
CA SER A 266 -31.42 -23.27 -10.79
C SER A 266 -32.49 -23.31 -11.90
N LEU A 267 -32.25 -22.50 -12.92
CA LEU A 267 -33.17 -22.37 -14.07
C LEU A 267 -33.07 -23.57 -15.03
N ILE A 268 -31.88 -24.14 -15.15
CA ILE A 268 -31.66 -25.29 -16.07
C ILE A 268 -32.35 -26.54 -15.52
N CYS A 269 -32.32 -26.66 -14.22
CA CYS A 269 -32.93 -27.80 -13.54
C CYS A 269 -34.43 -27.80 -13.83
N VAL A 270 -35.06 -26.68 -13.57
CA VAL A 270 -36.49 -26.52 -13.82
C VAL A 270 -36.75 -26.68 -15.33
N ALA A 271 -35.77 -26.30 -16.12
CA ALA A 271 -35.84 -26.39 -17.59
C ALA A 271 -36.06 -27.84 -18.02
N VAL A 272 -35.16 -28.69 -17.56
CA VAL A 272 -35.21 -30.14 -17.86
C VAL A 272 -36.51 -30.75 -17.34
N TRP A 273 -37.04 -30.13 -16.29
CA TRP A 273 -38.29 -30.57 -15.65
C TRP A 273 -39.44 -30.55 -16.67
N LEU A 274 -39.39 -29.56 -17.53
CA LEU A 274 -40.41 -29.37 -18.58
C LEU A 274 -40.34 -30.51 -19.60
N ILE A 275 -39.15 -31.06 -19.73
CA ILE A 275 -38.87 -32.16 -20.66
C ILE A 275 -39.11 -33.52 -20.00
N ASN A 276 -39.73 -33.46 -18.84
CA ASN A 276 -40.04 -34.68 -18.05
C ASN A 276 -41.51 -34.68 -17.63
N ILE A 277 -42.36 -34.30 -18.56
CA ILE A 277 -43.81 -34.25 -18.34
C ILE A 277 -44.50 -35.33 -19.18
N GLY A 278 -43.74 -35.84 -20.15
CA GLY A 278 -44.25 -36.90 -21.00
C GLY A 278 -44.20 -38.27 -20.37
N HIS A 279 -43.55 -38.38 -19.22
CA HIS A 279 -43.45 -39.65 -18.51
C HIS A 279 -44.35 -39.60 -17.28
N PHE A 280 -44.74 -38.38 -16.88
CA PHE A 280 -45.60 -38.18 -15.72
C PHE A 280 -47.05 -38.53 -16.06
N ASN A 281 -47.41 -38.41 -17.34
CA ASN A 281 -48.77 -38.70 -17.79
C ASN A 281 -49.10 -40.20 -17.67
N ASP A 282 -48.27 -41.03 -18.28
CA ASP A 282 -48.47 -42.48 -18.26
C ASP A 282 -48.57 -43.01 -16.82
N PRO A 283 -49.68 -43.69 -16.49
CA PRO A 283 -49.88 -44.25 -15.15
C PRO A 283 -49.03 -45.50 -14.89
N VAL A 284 -47.82 -45.29 -14.38
CA VAL A 284 -46.90 -46.39 -14.08
C VAL A 284 -46.45 -46.34 -12.62
N HIS A 285 -46.36 -47.51 -11.98
CA HIS A 285 -45.95 -47.58 -10.58
C HIS A 285 -44.53 -48.14 -10.43
N GLY A 286 -43.74 -48.02 -11.48
CA GLY A 286 -42.37 -48.51 -11.44
C GLY A 286 -41.40 -47.49 -10.85
N GLY A 287 -41.95 -46.35 -10.39
CA GLY A 287 -41.09 -45.33 -9.78
C GLY A 287 -41.92 -44.31 -8.98
N SER A 288 -42.05 -44.59 -7.69
CA SER A 288 -42.81 -43.73 -6.76
C SER A 288 -42.21 -42.32 -6.76
N TRP A 289 -42.85 -41.43 -6.01
CA TRP A 289 -42.39 -40.03 -5.92
C TRP A 289 -41.10 -39.95 -5.12
N ILE A 290 -41.02 -40.78 -4.10
CA ILE A 290 -39.83 -40.83 -3.25
C ILE A 290 -38.61 -41.14 -4.13
N ARG A 291 -38.82 -42.08 -5.03
CA ARG A 291 -37.80 -42.49 -6.00
C ARG A 291 -37.70 -41.43 -7.12
N GLY A 292 -38.86 -41.08 -7.63
CA GLY A 292 -39.01 -40.10 -8.75
C GLY A 292 -38.19 -38.81 -8.54
N ALA A 293 -37.93 -38.46 -7.29
CA ALA A 293 -37.18 -37.23 -6.95
C ALA A 293 -35.67 -37.46 -6.98
N ILE A 294 -35.29 -38.68 -6.69
CA ILE A 294 -33.88 -39.06 -6.66
C ILE A 294 -33.19 -38.65 -7.98
N TYR A 295 -33.93 -38.77 -9.06
CA TYR A 295 -33.42 -38.42 -10.40
C TYR A 295 -32.91 -36.97 -10.44
N TYR A 296 -33.75 -36.06 -9.98
CA TYR A 296 -33.43 -34.61 -9.99
C TYR A 296 -32.29 -34.23 -9.05
N PHE A 297 -32.30 -34.75 -7.87
CA PHE A 297 -31.26 -34.42 -6.90
C PHE A 297 -29.89 -34.92 -7.42
N LYS A 298 -29.90 -35.92 -8.26
CA LYS A 298 -28.66 -36.46 -8.81
C LYS A 298 -28.18 -35.60 -10.01
N ILE A 299 -29.08 -35.27 -10.91
CA ILE A 299 -28.72 -34.45 -12.09
C ILE A 299 -28.25 -33.05 -11.65
N ALA A 300 -28.77 -32.63 -10.51
CA ALA A 300 -28.44 -31.30 -9.93
C ALA A 300 -26.99 -31.28 -9.46
N VAL A 301 -26.64 -32.28 -8.69
CA VAL A 301 -25.28 -32.39 -8.17
C VAL A 301 -24.30 -32.46 -9.35
N ALA A 302 -24.79 -32.98 -10.46
CA ALA A 302 -23.97 -33.11 -11.69
C ALA A 302 -23.69 -31.72 -12.29
N LEU A 303 -24.76 -30.94 -12.45
CA LEU A 303 -24.69 -29.57 -13.02
C LEU A 303 -23.80 -28.65 -12.18
N ALA A 304 -23.97 -28.75 -10.87
CA ALA A 304 -23.21 -27.94 -9.91
C ALA A 304 -21.70 -28.19 -10.07
N VAL A 305 -21.30 -29.44 -10.01
CA VAL A 305 -19.90 -29.82 -10.15
C VAL A 305 -19.37 -29.51 -11.55
N ALA A 306 -20.28 -29.36 -12.50
CA ALA A 306 -19.89 -29.05 -13.88
C ALA A 306 -19.85 -27.54 -14.10
N ALA A 307 -20.70 -26.82 -13.38
CA ALA A 307 -20.77 -25.37 -13.49
C ALA A 307 -19.62 -24.74 -12.71
N ILE A 308 -19.67 -24.84 -11.38
CA ILE A 308 -18.64 -24.29 -10.51
C ILE A 308 -17.25 -24.76 -10.95
N PRO A 309 -16.47 -23.85 -11.56
CA PRO A 309 -15.12 -24.20 -12.03
C PRO A 309 -14.12 -24.37 -10.90
N GLU A 310 -14.40 -25.31 -10.00
CA GLU A 310 -13.50 -25.56 -8.88
C GLU A 310 -12.10 -25.72 -9.44
N GLY A 311 -11.09 -25.55 -8.60
CA GLY A 311 -9.73 -25.67 -9.07
C GLY A 311 -9.18 -24.30 -9.42
N LEU A 312 -10.05 -23.42 -9.91
CA LEU A 312 -9.65 -22.05 -10.26
C LEU A 312 -9.07 -21.39 -9.01
N PRO A 313 -9.81 -21.43 -7.89
CA PRO A 313 -9.34 -20.83 -6.63
C PRO A 313 -7.91 -21.26 -6.26
N ALA A 314 -7.47 -22.37 -6.83
CA ALA A 314 -6.11 -22.84 -6.56
C ALA A 314 -5.17 -22.40 -7.67
N VAL A 315 -5.71 -22.19 -8.87
CA VAL A 315 -4.90 -21.77 -10.00
C VAL A 315 -4.47 -20.32 -9.79
N ILE A 316 -5.41 -19.49 -9.34
CA ILE A 316 -5.14 -18.08 -9.09
C ILE A 316 -4.05 -17.94 -8.03
N THR A 317 -4.34 -18.45 -6.83
CA THR A 317 -3.41 -18.39 -5.72
C THR A 317 -1.99 -18.77 -6.15
N THR A 318 -1.89 -19.70 -7.10
CA THR A 318 -0.61 -20.16 -7.59
C THR A 318 0.09 -19.10 -8.44
N CYS A 319 -0.65 -18.50 -9.36
CA CYS A 319 -0.09 -17.46 -10.23
C CYS A 319 0.43 -16.30 -9.38
N LEU A 320 -0.41 -15.83 -8.46
CA LEU A 320 -0.06 -14.74 -7.58
C LEU A 320 1.16 -15.05 -6.73
N ALA A 321 1.15 -16.21 -6.07
CA ALA A 321 2.27 -16.63 -5.24
C ALA A 321 3.57 -16.53 -6.03
N LEU A 322 3.54 -17.00 -7.27
CA LEU A 322 4.73 -16.96 -8.13
C LEU A 322 5.06 -15.53 -8.51
N GLY A 323 4.03 -14.73 -8.78
CA GLY A 323 4.26 -13.33 -9.14
C GLY A 323 4.93 -12.60 -8.00
N THR A 324 4.41 -12.84 -6.79
CA THR A 324 4.95 -12.23 -5.58
C THR A 324 6.44 -12.52 -5.47
N ARG A 325 6.83 -13.77 -5.71
CA ARG A 325 8.25 -14.14 -5.65
C ARG A 325 9.04 -13.37 -6.70
N ARG A 326 8.40 -13.16 -7.85
CA ARG A 326 9.03 -12.45 -8.94
C ARG A 326 9.23 -10.97 -8.56
N MET A 327 8.17 -10.35 -8.04
CA MET A 327 8.22 -8.96 -7.64
C MET A 327 9.20 -8.72 -6.49
N ALA A 328 9.27 -9.67 -5.56
CA ALA A 328 10.17 -9.56 -4.44
C ALA A 328 11.57 -9.37 -5.00
N LYS A 329 11.88 -10.08 -6.07
CA LYS A 329 13.19 -9.98 -6.71
C LYS A 329 13.40 -8.52 -7.14
N LYS A 330 12.31 -7.85 -7.48
CA LYS A 330 12.33 -6.45 -7.91
C LYS A 330 12.24 -5.48 -6.73
N ASN A 331 12.43 -6.00 -5.51
CA ASN A 331 12.38 -5.19 -4.30
C ASN A 331 10.99 -4.69 -3.90
N ALA A 332 9.96 -5.48 -4.22
CA ALA A 332 8.59 -5.13 -3.89
C ALA A 332 7.94 -6.26 -3.10
N ILE A 333 7.89 -6.10 -1.78
CA ILE A 333 7.30 -7.11 -0.90
C ILE A 333 5.77 -6.95 -0.92
N VAL A 334 5.07 -7.96 -1.41
CA VAL A 334 3.61 -7.90 -1.47
C VAL A 334 3.00 -8.64 -0.28
N ARG A 335 2.28 -7.91 0.56
CA ARG A 335 1.66 -8.47 1.74
C ARG A 335 0.24 -8.97 1.47
N SER A 336 -0.34 -8.54 0.36
CA SER A 336 -1.69 -8.95 -0.01
C SER A 336 -1.75 -9.37 -1.48
N LEU A 337 -1.76 -10.67 -1.72
CA LEU A 337 -1.79 -11.23 -3.08
C LEU A 337 -2.84 -10.62 -4.02
N PRO A 338 -4.09 -10.49 -3.56
CA PRO A 338 -5.16 -9.93 -4.39
C PRO A 338 -4.88 -8.52 -4.89
N SER A 339 -3.95 -7.82 -4.25
CA SER A 339 -3.62 -6.45 -4.62
C SER A 339 -2.70 -6.39 -5.82
N VAL A 340 -2.02 -7.48 -6.12
CA VAL A 340 -1.12 -7.52 -7.25
C VAL A 340 -1.89 -7.21 -8.53
N GLU A 341 -3.09 -7.77 -8.62
CA GLU A 341 -3.94 -7.56 -9.79
C GLU A 341 -4.43 -6.11 -9.87
N THR A 342 -4.79 -5.57 -8.70
CA THR A 342 -5.31 -4.21 -8.62
C THR A 342 -4.27 -3.13 -8.90
N LEU A 343 -3.00 -3.42 -8.62
CA LEU A 343 -1.93 -2.44 -8.84
C LEU A 343 -1.75 -2.12 -10.31
N GLY A 344 -2.01 -3.11 -11.18
CA GLY A 344 -1.85 -2.88 -12.60
C GLY A 344 -2.98 -2.03 -13.13
N CYS A 345 -4.07 -2.00 -12.37
CA CYS A 345 -5.27 -1.26 -12.72
C CYS A 345 -5.31 0.13 -12.06
N THR A 346 -4.15 0.64 -11.64
CA THR A 346 -4.08 1.94 -10.95
C THR A 346 -4.13 3.14 -11.86
N SER A 347 -5.01 4.09 -11.54
CA SER A 347 -5.11 5.31 -12.33
C SER A 347 -4.54 6.54 -11.58
N VAL A 348 -4.55 6.49 -10.25
CA VAL A 348 -4.04 7.59 -9.45
C VAL A 348 -3.14 7.15 -8.31
N ILE A 349 -1.99 7.80 -8.18
CA ILE A 349 -1.08 7.51 -7.08
C ILE A 349 -1.00 8.73 -6.15
N CYS A 350 -1.49 8.58 -4.94
CA CYS A 350 -1.42 9.64 -3.94
C CYS A 350 -0.12 9.39 -3.20
N SER A 351 0.69 10.42 -3.05
CA SER A 351 1.96 10.24 -2.39
C SER A 351 2.34 11.22 -1.31
N ASP A 352 2.86 10.68 -0.22
CA ASP A 352 3.36 11.46 0.88
C ASP A 352 4.57 12.15 0.29
N LYS A 353 5.07 13.19 0.94
CA LYS A 353 6.24 13.88 0.44
C LYS A 353 7.53 13.50 1.21
N THR A 354 7.62 13.95 2.45
CA THR A 354 8.82 13.71 3.23
C THR A 354 9.17 12.26 3.49
N GLY A 355 10.37 11.88 3.06
CA GLY A 355 10.83 10.52 3.25
C GLY A 355 10.24 9.57 2.25
N THR A 356 9.40 10.07 1.37
CA THR A 356 8.78 9.25 0.34
C THR A 356 9.27 9.83 -0.98
N LEU A 357 8.86 11.06 -1.28
CA LEU A 357 9.33 11.70 -2.49
C LEU A 357 10.71 12.31 -2.22
N THR A 358 10.95 12.71 -0.97
CA THR A 358 12.22 13.30 -0.57
C THR A 358 13.02 12.33 0.30
N THR A 359 14.26 12.70 0.61
CA THR A 359 15.13 11.85 1.41
C THR A 359 14.98 12.04 2.91
N ASN A 360 14.40 13.17 3.31
CA ASN A 360 14.18 13.50 4.70
C ASN A 360 15.50 13.75 5.42
N GLN A 361 16.41 14.42 4.74
CA GLN A 361 17.69 14.77 5.29
C GLN A 361 17.95 16.22 4.87
N MET A 362 17.80 17.17 5.78
CA MET A 362 18.03 18.59 5.46
C MET A 362 19.42 18.78 4.89
N SER A 363 19.51 19.52 3.81
CA SER A 363 20.81 19.77 3.18
C SER A 363 20.99 21.22 2.80
N VAL A 364 22.17 21.75 3.08
CA VAL A 364 22.49 23.13 2.74
C VAL A 364 23.00 23.08 1.31
N CYS A 365 22.32 23.75 0.40
CA CYS A 365 22.72 23.70 -1.00
C CYS A 365 23.18 25.04 -1.58
N LYS A 366 23.00 26.11 -0.82
CA LYS A 366 23.43 27.42 -1.27
C LYS A 366 23.88 28.24 -0.09
N MET A 367 24.82 29.12 -0.32
CA MET A 367 25.32 30.02 0.72
C MET A 367 26.12 31.15 0.09
N PHE A 368 26.12 32.30 0.75
CA PHE A 368 26.87 33.45 0.24
C PHE A 368 27.44 34.31 1.37
N ILE A 369 28.42 35.06 0.96
CA ILE A 369 29.14 36.02 1.80
C ILE A 369 29.35 37.26 0.97
N ILE A 370 29.77 38.36 1.53
CA ILE A 370 30.00 39.55 0.74
C ILE A 370 31.32 39.51 -0.03
N ASP A 371 31.28 39.94 -1.28
CA ASP A 371 32.44 39.97 -2.16
C ASP A 371 33.18 41.28 -1.99
N LYS A 372 32.53 42.38 -2.38
CA LYS A 372 33.12 43.70 -2.25
C LYS A 372 32.01 44.74 -2.13
N VAL A 373 32.32 45.78 -1.36
CA VAL A 373 31.37 46.87 -1.14
C VAL A 373 32.00 48.18 -1.61
N ASP A 374 31.17 49.04 -2.19
CA ASP A 374 31.64 50.34 -2.66
C ASP A 374 30.44 51.23 -3.02
N GLY A 375 30.02 52.06 -2.07
CA GLY A 375 28.89 52.94 -2.32
C GLY A 375 27.66 52.10 -2.54
N ASP A 376 26.84 52.49 -3.52
CA ASP A 376 25.60 51.77 -3.81
C ASP A 376 25.86 50.40 -4.41
N PHE A 377 27.13 50.05 -4.59
CA PHE A 377 27.46 48.78 -5.20
C PHE A 377 27.91 47.75 -4.18
N CYS A 378 27.25 46.59 -4.23
CA CYS A 378 27.56 45.50 -3.35
C CYS A 378 27.40 44.18 -4.07
N SER A 379 28.48 43.42 -4.20
CA SER A 379 28.41 42.14 -4.87
C SER A 379 28.61 41.02 -3.85
N LEU A 380 27.90 39.91 -4.05
CA LEU A 380 27.99 38.76 -3.16
C LEU A 380 28.78 37.63 -3.81
N ASN A 381 29.38 36.79 -2.97
CA ASN A 381 30.08 35.62 -3.46
C ASN A 381 29.08 34.48 -3.17
N GLU A 382 28.40 34.00 -4.20
CA GLU A 382 27.46 32.92 -4.01
C GLU A 382 28.12 31.59 -4.30
N PHE A 383 27.73 30.57 -3.54
CA PHE A 383 28.27 29.23 -3.74
C PHE A 383 27.14 28.24 -3.71
N SER A 384 27.43 27.03 -4.15
CA SER A 384 26.43 26.00 -4.14
C SER A 384 27.10 24.76 -3.56
N ILE A 385 26.33 23.93 -2.89
CA ILE A 385 26.89 22.72 -2.30
C ILE A 385 26.06 21.53 -2.74
N THR A 386 26.74 20.48 -3.19
CA THR A 386 26.09 19.26 -3.63
C THR A 386 25.95 18.31 -2.45
N GLY A 387 25.13 17.27 -2.61
CA GLY A 387 24.93 16.33 -1.53
C GLY A 387 23.50 16.49 -1.06
N SER A 388 22.82 15.37 -0.90
CA SER A 388 21.44 15.41 -0.47
C SER A 388 21.22 14.62 0.83
N THR A 389 22.30 14.05 1.37
CA THR A 389 22.20 13.28 2.61
C THR A 389 23.05 13.91 3.73
N TYR A 390 23.02 13.31 4.91
CA TYR A 390 23.82 13.85 6.02
C TYR A 390 25.29 13.43 5.92
N ALA A 391 25.61 12.61 4.92
CA ALA A 391 26.98 12.14 4.72
C ALA A 391 27.92 13.27 4.31
N PRO A 392 29.15 13.27 4.83
CA PRO A 392 30.15 14.30 4.53
C PRO A 392 30.76 14.02 3.15
N GLU A 393 29.89 13.87 2.16
CA GLU A 393 30.32 13.59 0.80
C GLU A 393 29.69 14.66 -0.09
N GLY A 394 30.52 15.44 -0.76
CA GLY A 394 30.03 16.50 -1.63
C GLY A 394 31.03 17.62 -1.83
N GLU A 395 30.67 18.59 -2.64
CA GLU A 395 31.57 19.70 -2.92
C GLU A 395 30.94 21.09 -2.96
N VAL A 396 31.78 22.09 -2.77
CA VAL A 396 31.36 23.48 -2.79
C VAL A 396 31.65 24.03 -4.19
N LEU A 397 30.63 24.57 -4.84
CA LEU A 397 30.78 25.11 -6.19
C LEU A 397 30.60 26.60 -6.31
N LYS A 398 31.56 27.23 -6.98
CA LYS A 398 31.54 28.67 -7.25
C LYS A 398 31.38 28.76 -8.76
N ASN A 399 30.18 29.12 -9.21
CA ASN A 399 29.91 29.21 -10.65
C ASN A 399 29.98 27.81 -11.26
N ASP A 400 29.51 26.82 -10.50
CA ASP A 400 29.49 25.43 -10.97
C ASP A 400 30.87 24.81 -11.08
N LYS A 401 31.91 25.56 -10.71
CA LYS A 401 33.26 25.04 -10.74
C LYS A 401 33.77 24.82 -9.32
N PRO A 402 34.28 23.63 -9.02
CA PRO A 402 34.80 23.28 -7.68
C PRO A 402 35.86 24.25 -7.16
N ILE A 403 35.78 24.61 -5.87
CA ILE A 403 36.77 25.50 -5.27
C ILE A 403 37.14 25.04 -3.86
N ARG A 404 38.04 25.78 -3.22
CA ARG A 404 38.45 25.47 -1.86
C ARG A 404 37.95 26.56 -0.93
N SER A 405 36.96 26.21 -0.10
CA SER A 405 36.38 27.14 0.85
C SER A 405 37.44 27.90 1.64
N GLY A 406 38.46 27.17 2.10
CA GLY A 406 39.54 27.79 2.86
C GLY A 406 40.14 29.02 2.20
N GLN A 407 40.00 29.15 0.88
CA GLN A 407 40.55 30.31 0.19
C GLN A 407 39.80 31.58 0.62
N PHE A 408 38.47 31.50 0.71
CA PHE A 408 37.66 32.65 1.11
C PHE A 408 37.60 32.78 2.64
N ASP A 409 38.03 33.92 3.16
CA ASP A 409 38.03 34.14 4.60
C ASP A 409 36.61 34.21 5.19
N GLY A 410 35.67 34.76 4.43
CA GLY A 410 34.29 34.83 4.86
C GLY A 410 33.73 33.44 5.12
N LEU A 411 34.10 32.48 4.27
CA LEU A 411 33.63 31.09 4.45
C LEU A 411 34.33 30.43 5.65
N VAL A 412 35.47 30.98 6.08
CA VAL A 412 36.14 30.41 7.22
C VAL A 412 35.33 30.84 8.44
N GLU A 413 34.80 32.07 8.39
CA GLU A 413 34.02 32.54 9.50
C GLU A 413 32.61 31.93 9.43
N LEU A 414 32.07 31.80 8.22
CA LEU A 414 30.74 31.22 8.06
C LEU A 414 30.75 29.80 8.66
N ALA A 415 31.79 29.03 8.34
CA ALA A 415 31.91 27.68 8.86
C ALA A 415 32.12 27.68 10.38
N THR A 416 32.82 28.67 10.89
CA THR A 416 33.07 28.74 12.33
C THR A 416 31.75 28.90 13.10
N ILE A 417 30.89 29.78 12.59
CA ILE A 417 29.57 30.01 13.19
C ILE A 417 28.68 28.75 13.11
N CYS A 418 28.67 28.08 11.96
CA CYS A 418 27.86 26.87 11.79
C CYS A 418 28.32 25.72 12.68
N ALA A 419 29.60 25.70 13.03
CA ALA A 419 30.11 24.61 13.85
C ALA A 419 29.94 24.89 15.34
N LEU A 420 30.09 26.16 15.72
CA LEU A 420 29.97 26.56 17.12
C LEU A 420 28.52 26.84 17.56
N CYS A 421 27.78 27.59 16.76
CA CYS A 421 26.39 27.93 17.07
C CYS A 421 25.52 26.73 16.68
N ASN A 422 25.80 25.58 17.25
CA ASN A 422 25.12 24.33 16.91
C ASN A 422 25.07 23.36 18.13
N ASP A 423 23.93 22.70 18.32
CA ASP A 423 23.73 21.75 19.41
C ASP A 423 23.63 20.35 18.88
N SER A 424 23.93 20.16 17.61
CA SER A 424 23.82 18.84 17.06
C SER A 424 25.16 18.31 16.59
N SER A 425 25.15 17.09 16.06
CA SER A 425 26.36 16.48 15.59
C SER A 425 25.99 15.39 14.59
N LEU A 426 26.98 14.67 14.11
CA LEU A 426 26.77 13.61 13.15
C LEU A 426 27.26 12.30 13.74
N ASP A 427 26.81 11.19 13.21
CA ASP A 427 27.23 9.90 13.73
C ASP A 427 27.18 8.89 12.61
N PHE A 428 28.12 7.96 12.62
CA PHE A 428 28.10 6.94 11.60
C PHE A 428 27.54 5.69 12.26
N ASN A 429 26.45 5.19 11.72
CA ASN A 429 25.82 3.98 12.23
C ASN A 429 26.53 2.83 11.53
N GLU A 430 27.44 2.17 12.24
CA GLU A 430 28.22 1.07 11.68
C GLU A 430 27.33 -0.10 11.29
N THR A 431 26.30 -0.34 12.09
CA THR A 431 25.37 -1.43 11.81
C THR A 431 24.64 -1.21 10.49
N LYS A 432 24.19 0.02 10.24
CA LYS A 432 23.46 0.34 9.02
C LYS A 432 24.33 0.86 7.87
N GLY A 433 25.61 1.12 8.13
CA GLY A 433 26.50 1.61 7.09
C GLY A 433 26.19 3.00 6.55
N VAL A 434 25.45 3.81 7.31
CA VAL A 434 25.14 5.15 6.85
C VAL A 434 25.35 6.20 7.94
N TYR A 435 25.40 7.47 7.56
CA TYR A 435 25.58 8.56 8.52
C TYR A 435 24.20 9.03 8.95
N GLU A 436 24.02 9.33 10.23
CA GLU A 436 22.73 9.80 10.69
C GLU A 436 22.90 11.01 11.57
N LYS A 437 21.84 11.76 11.66
CA LYS A 437 21.93 12.96 12.49
C LYS A 437 21.79 12.59 13.96
N VAL A 438 22.10 13.56 14.76
CA VAL A 438 22.01 13.52 16.22
C VAL A 438 21.58 14.90 16.64
N GLY A 439 20.33 15.02 16.98
CA GLY A 439 19.75 16.30 17.37
C GLY A 439 18.85 16.80 16.25
N GLU A 440 18.72 18.12 16.06
CA GLU A 440 17.85 18.67 15.02
C GLU A 440 18.40 18.60 13.60
N ALA A 441 17.51 18.31 12.65
CA ALA A 441 17.89 18.21 11.26
C ALA A 441 18.47 19.51 10.69
N THR A 442 17.85 20.64 10.97
CA THR A 442 18.37 21.91 10.45
C THR A 442 19.72 22.26 11.02
N GLU A 443 20.12 21.56 12.08
CA GLU A 443 21.40 21.85 12.68
C GLU A 443 22.45 20.89 12.16
N THR A 444 22.04 19.66 11.86
CA THR A 444 22.96 18.67 11.36
C THR A 444 23.35 19.02 9.94
N ALA A 445 22.47 19.73 9.24
CA ALA A 445 22.77 20.14 7.88
C ALA A 445 23.96 21.09 7.98
N LEU A 446 23.97 21.86 9.08
CA LEU A 446 25.04 22.79 9.34
C LEU A 446 26.30 22.01 9.68
N THR A 447 26.16 20.92 10.43
CA THR A 447 27.30 20.08 10.79
C THR A 447 27.88 19.48 9.49
N THR A 448 27.00 18.92 8.65
CA THR A 448 27.42 18.31 7.39
C THR A 448 28.11 19.31 6.45
N LEU A 449 27.56 20.52 6.35
CA LEU A 449 28.16 21.55 5.51
C LEU A 449 29.61 21.83 5.93
N VAL A 450 29.85 21.92 7.23
CA VAL A 450 31.18 22.20 7.74
C VAL A 450 32.18 21.09 7.40
N GLU A 451 31.73 19.84 7.34
CA GLU A 451 32.61 18.74 6.99
C GLU A 451 32.99 18.81 5.51
N LYS A 452 32.05 19.21 4.67
CA LYS A 452 32.31 19.34 3.24
C LYS A 452 33.26 20.51 2.97
N MET A 453 33.04 21.64 3.64
CA MET A 453 33.86 22.83 3.46
C MET A 453 35.33 22.63 3.87
N ASN A 454 35.55 21.89 4.96
CA ASN A 454 36.90 21.62 5.45
C ASN A 454 37.78 22.88 5.30
N VAL A 455 37.28 24.03 5.77
CA VAL A 455 37.99 25.30 5.65
C VAL A 455 39.41 25.35 6.17
N PHE A 456 39.85 24.34 6.89
CA PHE A 456 41.22 24.36 7.39
C PHE A 456 42.04 23.26 6.73
N ASN A 457 41.48 22.69 5.67
CA ASN A 457 42.16 21.64 4.92
C ASN A 457 42.68 20.53 5.83
N THR A 458 41.82 20.04 6.70
CA THR A 458 42.14 18.96 7.63
C THR A 458 42.22 17.69 6.79
N GLU A 459 43.19 16.82 7.09
CA GLU A 459 43.34 15.58 6.34
C GLU A 459 42.33 14.57 6.81
N VAL A 460 41.32 14.32 5.97
CA VAL A 460 40.24 13.43 6.33
C VAL A 460 40.08 12.12 5.54
N ARG A 461 40.70 12.04 4.37
CA ARG A 461 40.57 10.83 3.55
C ARG A 461 40.97 9.51 4.18
N ASN A 462 41.86 9.52 5.17
CA ASN A 462 42.25 8.26 5.80
C ASN A 462 41.54 7.93 7.12
N LEU A 463 40.67 8.82 7.59
CA LEU A 463 39.93 8.58 8.84
C LEU A 463 38.82 7.55 8.62
N SER A 464 38.47 6.80 9.66
CA SER A 464 37.38 5.83 9.54
C SER A 464 36.09 6.66 9.40
N LYS A 465 35.06 6.08 8.82
CA LYS A 465 33.82 6.81 8.66
C LYS A 465 33.29 7.26 10.03
N VAL A 466 33.55 6.49 11.08
CA VAL A 466 33.11 6.88 12.42
C VAL A 466 33.78 8.21 12.81
N GLU A 467 35.09 8.32 12.55
CA GLU A 467 35.83 9.52 12.88
C GLU A 467 35.70 10.65 11.85
N ARG A 468 35.16 10.35 10.69
CA ARG A 468 35.01 11.37 9.65
C ARG A 468 33.80 12.26 9.91
N ALA A 469 32.83 11.69 10.61
CA ALA A 469 31.59 12.39 10.91
C ALA A 469 31.73 13.77 11.55
N ASN A 470 32.66 13.94 12.49
CA ASN A 470 32.78 15.24 13.14
C ASN A 470 34.20 15.82 13.14
N ALA A 471 35.05 15.35 12.23
CA ALA A 471 36.44 15.81 12.12
C ALA A 471 36.64 17.30 12.00
N CYS A 472 36.08 17.90 10.95
CA CYS A 472 36.23 19.34 10.73
C CYS A 472 35.54 20.19 11.79
N ASN A 473 34.46 19.68 12.38
CA ASN A 473 33.76 20.42 13.42
C ASN A 473 34.65 20.48 14.66
N SER A 474 35.24 19.34 15.03
CA SER A 474 36.15 19.30 16.18
C SER A 474 37.34 20.25 16.01
N VAL A 475 37.86 20.36 14.79
CA VAL A 475 38.98 21.25 14.57
C VAL A 475 38.54 22.66 14.99
N ILE A 476 37.38 23.08 14.51
CA ILE A 476 36.85 24.39 14.85
C ILE A 476 36.55 24.52 16.36
N ARG A 477 36.06 23.45 16.96
CA ARG A 477 35.78 23.51 18.38
C ARG A 477 37.05 23.69 19.21
N GLN A 478 38.20 23.46 18.60
CA GLN A 478 39.49 23.59 19.28
C GLN A 478 39.98 25.04 19.29
N LEU A 479 39.52 25.83 18.33
CA LEU A 479 39.93 27.23 18.23
C LEU A 479 39.20 28.13 19.21
N MET A 480 37.93 27.84 19.44
CA MET A 480 37.14 28.66 20.34
C MET A 480 36.45 27.82 21.38
N LYS A 481 36.43 28.30 22.61
CA LYS A 481 35.75 27.59 23.67
C LYS A 481 34.35 28.19 23.83
N LYS A 482 33.34 27.34 23.78
CA LYS A 482 31.97 27.79 23.96
C LYS A 482 31.70 27.91 25.46
N GLU A 483 31.79 29.13 26.00
CA GLU A 483 31.51 29.38 27.41
C GLU A 483 30.07 28.97 27.68
N PHE A 484 29.13 29.59 26.96
CA PHE A 484 27.71 29.29 27.16
C PHE A 484 26.90 29.73 25.95
N THR A 485 25.67 29.22 25.81
CA THR A 485 24.85 29.64 24.69
C THR A 485 23.55 30.34 25.10
N LEU A 486 23.20 31.42 24.39
CA LEU A 486 21.95 32.14 24.66
C LEU A 486 20.88 31.46 23.81
N GLU A 487 20.21 30.47 24.40
CA GLU A 487 19.17 29.69 23.74
C GLU A 487 18.19 30.53 22.93
N PHE A 488 17.62 29.91 21.91
CA PHE A 488 16.65 30.57 21.05
C PHE A 488 15.49 31.17 21.85
N SER A 489 15.00 32.31 21.38
CA SER A 489 13.89 33.03 22.00
C SER A 489 12.85 33.38 20.93
N ARG A 490 11.57 33.19 21.24
CA ARG A 490 10.48 33.47 20.30
C ARG A 490 10.39 34.92 19.79
N ASP A 491 10.79 35.86 20.64
CA ASP A 491 10.77 37.28 20.29
C ASP A 491 12.08 37.73 19.64
N ARG A 492 12.94 36.77 19.32
CA ARG A 492 14.24 37.06 18.72
C ARG A 492 14.41 36.34 17.38
N LYS A 493 13.93 35.11 17.33
CA LYS A 493 14.02 34.27 16.15
C LYS A 493 15.48 33.95 15.83
N SER A 494 16.35 34.13 16.82
CA SER A 494 17.76 33.83 16.65
C SER A 494 18.36 33.19 17.90
N MET A 495 19.58 32.71 17.76
CA MET A 495 20.31 32.04 18.82
C MET A 495 21.78 32.46 18.74
N SER A 496 22.49 32.44 19.85
CA SER A 496 23.90 32.78 19.82
C SER A 496 24.72 32.00 20.84
N VAL A 497 26.04 32.03 20.67
CA VAL A 497 26.91 31.32 21.58
C VAL A 497 28.04 32.25 21.98
N TYR A 498 28.42 32.18 23.24
CA TYR A 498 29.49 33.01 23.75
C TYR A 498 30.76 32.17 23.73
N CYS A 499 31.79 32.67 23.06
CA CYS A 499 33.03 31.93 22.95
C CYS A 499 34.25 32.77 23.23
N SER A 500 35.22 32.14 23.87
CA SER A 500 36.47 32.82 24.16
C SER A 500 37.56 32.08 23.42
N PRO A 501 38.66 32.78 23.10
CA PRO A 501 39.74 32.11 22.38
C PRO A 501 40.26 30.93 23.22
N ALA A 502 40.66 29.85 22.57
CA ALA A 502 41.19 28.71 23.29
C ALA A 502 42.57 29.08 23.80
N LYS A 503 42.88 28.65 25.02
CA LYS A 503 44.19 28.93 25.61
C LYS A 503 44.42 30.40 25.95
N SER A 504 43.45 31.01 26.61
CA SER A 504 43.55 32.41 27.04
C SER A 504 42.88 32.56 28.40
N SER A 505 43.24 33.61 29.15
CA SER A 505 42.67 33.84 30.48
C SER A 505 41.26 34.43 30.43
N ARG A 506 40.51 34.23 31.50
CA ARG A 506 39.13 34.73 31.59
C ARG A 506 39.08 36.22 31.40
N ALA A 507 40.21 36.88 31.64
CA ALA A 507 40.29 38.34 31.51
C ALA A 507 40.74 38.74 30.11
N ALA A 508 41.34 37.80 29.39
CA ALA A 508 41.84 38.06 28.04
C ALA A 508 40.81 38.75 27.14
N VAL A 509 41.32 39.44 26.13
CA VAL A 509 40.47 40.14 25.17
C VAL A 509 40.29 39.25 23.95
N GLY A 510 39.18 39.44 23.24
CA GLY A 510 38.96 38.63 22.06
C GLY A 510 37.78 37.67 22.08
N ASN A 511 36.84 37.90 22.99
CA ASN A 511 35.65 37.05 23.07
C ASN A 511 34.74 37.39 21.90
N LYS A 512 33.88 36.45 21.54
CA LYS A 512 32.96 36.65 20.42
C LYS A 512 31.64 35.97 20.69
N MET A 513 30.61 36.48 20.03
CA MET A 513 29.28 35.87 20.11
C MET A 513 28.97 35.48 18.67
N PHE A 514 28.56 34.24 18.45
CA PHE A 514 28.23 33.80 17.10
C PHE A 514 26.72 33.64 17.01
N VAL A 515 26.11 34.41 16.12
CA VAL A 515 24.67 34.39 15.93
C VAL A 515 24.15 33.70 14.67
N LYS A 516 23.03 33.01 14.85
CA LYS A 516 22.36 32.27 13.80
C LYS A 516 20.86 32.56 13.98
N GLY A 517 20.14 32.79 12.88
CA GLY A 517 18.71 33.07 13.00
C GLY A 517 17.95 33.45 11.74
N ALA A 518 16.73 33.94 11.92
CA ALA A 518 15.88 34.37 10.82
C ALA A 518 16.59 35.60 10.25
N PRO A 519 16.79 35.65 8.92
CA PRO A 519 17.47 36.77 8.28
C PRO A 519 17.00 38.18 8.66
N GLU A 520 15.70 38.38 8.70
CA GLU A 520 15.15 39.68 9.02
C GLU A 520 15.69 40.24 10.32
N GLY A 521 15.44 39.53 11.41
CA GLY A 521 15.89 40.00 12.71
C GLY A 521 17.38 40.18 12.85
N VAL A 522 18.13 39.17 12.41
CA VAL A 522 19.59 39.22 12.49
C VAL A 522 20.16 40.36 11.69
N ILE A 523 19.83 40.42 10.40
CA ILE A 523 20.34 41.48 9.54
C ILE A 523 20.00 42.84 10.12
N ASP A 524 18.84 42.97 10.75
CA ASP A 524 18.47 44.26 11.33
C ASP A 524 19.33 44.66 12.53
N ARG A 525 19.95 43.68 13.19
CA ARG A 525 20.79 43.97 14.35
C ARG A 525 22.26 44.10 13.97
N CYS A 526 22.52 44.05 12.67
CA CYS A 526 23.88 44.19 12.17
C CYS A 526 24.15 45.62 11.80
N ASN A 527 25.29 46.14 12.23
CA ASN A 527 25.66 47.49 11.89
C ASN A 527 26.90 47.41 11.00
N TYR A 528 27.42 46.19 10.86
CA TYR A 528 28.60 45.97 10.05
C TYR A 528 28.40 44.76 9.17
N VAL A 529 29.24 44.68 8.16
CA VAL A 529 29.24 43.57 7.22
C VAL A 529 30.68 43.15 7.10
N ARG A 530 30.96 41.86 7.19
CA ARG A 530 32.33 41.41 7.07
C ARG A 530 32.70 41.24 5.60
N VAL A 531 33.93 41.58 5.26
CA VAL A 531 34.41 41.45 3.90
C VAL A 531 35.78 40.79 4.01
N GLY A 532 35.80 39.48 3.78
CA GLY A 532 37.03 38.74 3.91
C GLY A 532 37.33 38.70 5.39
N THR A 533 38.28 39.54 5.83
CA THR A 533 38.62 39.59 7.24
C THR A 533 38.44 41.00 7.73
N THR A 534 38.08 41.89 6.82
CA THR A 534 37.87 43.28 7.17
C THR A 534 36.40 43.48 7.50
N ARG A 535 36.03 44.71 7.82
CA ARG A 535 34.65 44.97 8.17
C ARG A 535 34.24 46.40 7.83
N VAL A 536 33.13 46.56 7.12
CA VAL A 536 32.67 47.90 6.78
C VAL A 536 31.23 48.13 7.25
N PRO A 537 30.82 49.38 7.35
CA PRO A 537 29.45 49.63 7.80
C PRO A 537 28.31 49.12 6.93
N MET A 538 27.29 48.60 7.60
CA MET A 538 26.10 48.12 6.91
C MET A 538 25.45 49.41 6.40
N THR A 539 25.04 49.41 5.13
CA THR A 539 24.43 50.60 4.56
C THR A 539 23.15 50.18 3.84
N GLY A 540 22.30 51.14 3.51
CA GLY A 540 21.06 50.84 2.82
C GLY A 540 21.31 49.95 1.61
N PRO A 541 22.28 50.30 0.75
CA PRO A 541 22.58 49.52 -0.44
C PRO A 541 22.97 48.08 -0.14
N VAL A 542 23.96 47.89 0.73
CA VAL A 542 24.39 46.54 1.11
C VAL A 542 23.23 45.73 1.66
N LYS A 543 22.51 46.31 2.63
CA LYS A 543 21.36 45.65 3.23
C LYS A 543 20.35 45.18 2.16
N GLU A 544 20.01 46.06 1.22
CA GLU A 544 19.08 45.71 0.16
C GLU A 544 19.63 44.63 -0.77
N LYS A 545 20.94 44.64 -1.01
CA LYS A 545 21.52 43.62 -1.88
C LYS A 545 21.26 42.28 -1.21
N ILE A 546 21.70 42.18 0.04
CA ILE A 546 21.55 40.98 0.87
C ILE A 546 20.10 40.50 0.94
N LEU A 547 19.21 41.38 1.40
CA LEU A 547 17.81 41.01 1.54
C LEU A 547 17.15 40.64 0.21
N SER A 548 17.73 41.13 -0.89
CA SER A 548 17.16 40.81 -2.20
C SER A 548 17.42 39.35 -2.52
N VAL A 549 18.64 38.88 -2.31
CA VAL A 549 18.98 37.49 -2.58
C VAL A 549 18.30 36.55 -1.59
N ILE A 550 18.13 37.00 -0.34
CA ILE A 550 17.46 36.19 0.67
C ILE A 550 16.03 35.94 0.20
N LYS A 551 15.40 37.00 -0.31
CA LYS A 551 14.04 36.93 -0.82
C LYS A 551 13.94 35.98 -2.02
N GLU A 552 14.89 36.05 -2.94
CA GLU A 552 14.86 35.17 -4.11
C GLU A 552 14.91 33.71 -3.65
N TRP A 553 15.91 33.41 -2.83
CA TRP A 553 16.13 32.06 -2.29
C TRP A 553 15.01 31.53 -1.41
N GLY A 554 14.39 32.42 -0.62
CA GLY A 554 13.32 32.00 0.28
C GLY A 554 11.98 31.71 -0.38
N THR A 555 11.81 32.17 -1.61
CA THR A 555 10.55 31.94 -2.35
C THR A 555 10.81 31.94 -3.86
N GLY A 556 11.08 30.78 -4.39
CA GLY A 556 11.33 30.64 -5.83
C GLY A 556 11.01 29.23 -6.26
N ARG A 557 11.83 28.72 -7.14
CA ARG A 557 11.67 27.36 -7.60
C ARG A 557 12.40 26.46 -6.61
N ASP A 558 13.03 27.13 -5.63
CA ASP A 558 13.82 26.44 -4.58
C ASP A 558 13.23 26.68 -3.18
N THR A 559 12.57 27.80 -2.99
CA THR A 559 11.90 28.13 -1.72
C THR A 559 12.65 27.55 -0.50
N LEU A 560 13.86 27.95 -0.30
CA LEU A 560 14.75 27.39 0.73
C LEU A 560 14.57 28.06 2.09
N ARG A 561 14.90 27.26 3.10
CA ARG A 561 14.94 27.70 4.49
C ARG A 561 16.26 28.45 4.56
N CYS A 562 16.21 29.70 4.91
CA CYS A 562 17.46 30.51 4.94
C CYS A 562 17.79 31.01 6.35
N LEU A 563 19.10 30.94 6.62
CA LEU A 563 19.64 31.41 7.90
C LEU A 563 20.75 32.43 7.70
N ALA A 564 20.66 33.53 8.44
CA ALA A 564 21.70 34.56 8.39
C ALA A 564 22.70 34.26 9.51
N LEU A 565 23.98 34.29 9.19
CA LEU A 565 25.02 34.04 10.17
C LEU A 565 25.74 35.34 10.43
N ALA A 566 26.00 35.64 11.71
CA ALA A 566 26.67 36.88 12.10
C ALA A 566 27.48 36.68 13.39
N THR A 567 28.26 37.67 13.77
CA THR A 567 29.04 37.54 14.98
C THR A 567 29.10 38.90 15.64
N ARG A 568 29.22 38.95 16.98
CA ARG A 568 29.38 40.25 17.62
C ARG A 568 30.86 40.34 17.93
N ASP A 569 31.55 41.25 17.26
CA ASP A 569 32.99 41.41 17.44
C ASP A 569 33.43 41.90 18.80
N THR A 570 32.55 42.60 19.50
CA THR A 570 32.86 43.11 20.83
C THR A 570 31.66 42.87 21.72
N PRO A 571 31.48 41.62 22.17
CA PRO A 571 30.36 41.25 23.03
C PRO A 571 30.53 41.81 24.44
N PRO A 572 29.44 41.80 25.23
CA PRO A 572 29.53 42.32 26.59
C PRO A 572 30.50 41.46 27.40
N LYS A 573 30.95 41.97 28.54
CA LYS A 573 31.85 41.22 29.40
C LYS A 573 31.03 40.12 30.05
N ARG A 574 31.59 38.92 30.04
CA ARG A 574 30.95 37.73 30.62
C ARG A 574 30.09 38.10 31.82
N GLU A 575 30.66 38.86 32.74
CA GLU A 575 30.00 39.27 33.98
C GLU A 575 28.69 40.04 33.77
N GLU A 576 28.76 41.17 33.08
CA GLU A 576 27.59 42.00 32.85
C GLU A 576 26.42 41.32 32.12
N MET A 577 26.58 40.04 31.81
CA MET A 577 25.51 39.34 31.12
C MET A 577 24.62 38.52 32.05
N VAL A 578 23.31 38.75 31.94
CA VAL A 578 22.32 38.06 32.75
C VAL A 578 21.69 36.90 31.99
N LEU A 579 22.28 35.71 32.15
CA LEU A 579 21.80 34.53 31.45
C LEU A 579 20.42 34.02 31.85
N ASP A 580 19.97 34.32 33.07
CA ASP A 580 18.67 33.83 33.54
C ASP A 580 17.44 34.63 33.06
N ASP A 581 17.67 35.61 32.19
CA ASP A 581 16.58 36.43 31.68
C ASP A 581 16.73 36.58 30.16
N SER A 582 16.02 35.73 29.40
CA SER A 582 16.11 35.76 27.95
C SER A 582 15.62 37.03 27.25
N SER A 583 14.69 37.74 27.85
CA SER A 583 14.19 38.97 27.23
C SER A 583 15.31 40.01 27.13
N ARG A 584 16.48 39.66 27.65
CA ARG A 584 17.63 40.56 27.61
C ARG A 584 18.65 40.11 26.56
N PHE A 585 18.38 38.96 25.96
CA PHE A 585 19.29 38.37 24.97
C PHE A 585 19.40 39.15 23.65
N MET A 586 18.26 39.59 23.12
CA MET A 586 18.25 40.34 21.86
C MET A 586 19.16 41.53 21.95
N GLU A 587 19.16 42.19 23.10
CA GLU A 587 20.01 43.36 23.28
C GLU A 587 21.48 42.94 23.33
N TYR A 588 21.74 41.70 23.75
CA TYR A 588 23.12 41.22 23.80
C TYR A 588 23.55 40.94 22.37
N GLU A 589 22.61 40.43 21.58
CA GLU A 589 22.83 40.10 20.17
C GLU A 589 22.61 41.37 19.35
N THR A 590 23.37 42.39 19.68
CA THR A 590 23.24 43.68 19.04
C THR A 590 24.59 44.18 18.53
N ASP A 591 24.56 45.13 17.60
CA ASP A 591 25.80 45.66 17.03
C ASP A 591 26.56 44.50 16.36
N LEU A 592 25.84 43.72 15.56
CA LEU A 592 26.39 42.56 14.87
C LEU A 592 27.10 42.85 13.54
N THR A 593 27.97 41.93 13.14
CA THR A 593 28.65 42.02 11.88
C THR A 593 28.04 40.92 11.03
N PHE A 594 27.37 41.27 9.93
CA PHE A 594 26.80 40.24 9.07
C PHE A 594 27.92 39.45 8.40
N VAL A 595 27.78 38.13 8.36
CA VAL A 595 28.82 37.31 7.76
C VAL A 595 28.37 36.52 6.53
N GLY A 596 27.19 35.89 6.63
CA GLY A 596 26.71 35.10 5.52
C GLY A 596 25.31 34.55 5.64
N VAL A 597 24.95 33.72 4.67
CA VAL A 597 23.65 33.08 4.61
C VAL A 597 23.78 31.68 4.00
N VAL A 598 23.05 30.72 4.58
CA VAL A 598 23.03 29.36 4.05
C VAL A 598 21.57 29.08 3.72
N GLY A 599 21.35 28.22 2.74
CA GLY A 599 20.00 27.88 2.33
C GLY A 599 19.83 26.38 2.33
N MET A 600 18.78 25.91 2.98
CA MET A 600 18.58 24.47 3.06
C MET A 600 17.20 23.98 2.66
N LEU A 601 17.16 22.69 2.32
CA LEU A 601 15.86 22.06 2.07
C LEU A 601 16.01 20.54 2.07
N ASP A 602 14.88 19.87 2.24
CA ASP A 602 14.82 18.42 2.21
C ASP A 602 14.68 18.08 0.72
N PRO A 603 15.77 17.62 0.07
CA PRO A 603 15.78 17.34 -1.38
C PRO A 603 14.84 16.23 -1.74
N PRO A 604 14.50 16.17 -3.08
CA PRO A 604 13.80 15.02 -3.67
C PRO A 604 14.79 13.92 -3.96
N ARG A 605 14.29 12.70 -4.06
CA ARG A 605 15.11 11.56 -4.38
C ARG A 605 15.42 11.65 -5.89
N LYS A 606 16.67 11.36 -6.25
CA LYS A 606 17.16 11.43 -7.62
C LYS A 606 16.29 10.81 -8.70
N GLU A 607 15.80 9.60 -8.46
CA GLU A 607 14.98 8.90 -9.44
C GLU A 607 13.47 9.15 -9.37
N VAL A 608 13.05 10.29 -8.82
CA VAL A 608 11.62 10.53 -8.73
C VAL A 608 11.02 11.26 -9.93
N MET A 609 11.75 12.22 -10.49
CA MET A 609 11.21 12.90 -11.65
C MET A 609 10.95 11.88 -12.76
N GLY A 610 11.93 11.01 -13.02
CA GLY A 610 11.77 9.99 -14.03
C GLY A 610 10.61 9.07 -13.77
N SER A 611 10.55 8.51 -12.56
CA SER A 611 9.47 7.61 -12.20
C SER A 611 8.08 8.20 -12.44
N ILE A 612 7.92 9.49 -12.15
CA ILE A 612 6.63 10.13 -12.35
C ILE A 612 6.32 10.29 -13.83
N GLN A 613 7.37 10.51 -14.64
CA GLN A 613 7.17 10.64 -16.09
C GLN A 613 6.70 9.31 -16.65
N LEU A 614 7.28 8.21 -16.16
CA LEU A 614 6.87 6.89 -16.63
C LEU A 614 5.41 6.67 -16.25
N CYS A 615 5.05 7.01 -15.01
CA CYS A 615 3.67 6.86 -14.55
C CYS A 615 2.72 7.61 -15.46
N ARG A 616 3.15 8.78 -15.90
CA ARG A 616 2.36 9.61 -16.79
C ARG A 616 2.15 8.89 -18.13
N ASP A 617 3.21 8.22 -18.60
CA ASP A 617 3.12 7.48 -19.84
C ASP A 617 2.07 6.37 -19.73
N ALA A 618 1.99 5.74 -18.57
CA ALA A 618 1.03 4.67 -18.36
C ALA A 618 -0.35 5.21 -17.99
N GLY A 619 -0.53 6.51 -18.13
CA GLY A 619 -1.82 7.11 -17.82
C GLY A 619 -2.20 7.12 -16.35
N ILE A 620 -1.20 7.23 -15.48
CA ILE A 620 -1.42 7.26 -14.04
C ILE A 620 -1.08 8.64 -13.48
N ARG A 621 -2.01 9.30 -12.81
CA ARG A 621 -1.61 10.60 -12.27
C ARG A 621 -1.02 10.46 -10.86
N VAL A 622 -0.21 11.43 -10.49
CA VAL A 622 0.46 11.46 -9.19
C VAL A 622 0.07 12.73 -8.44
N ILE A 623 -0.37 12.57 -7.20
CA ILE A 623 -0.79 13.69 -6.37
C ILE A 623 0.04 13.72 -5.10
N MET A 624 0.37 14.90 -4.60
CA MET A 624 1.10 14.99 -3.36
C MET A 624 0.15 15.40 -2.22
N ILE A 625 0.23 14.69 -1.09
CA ILE A 625 -0.57 15.01 0.10
C ILE A 625 0.42 14.99 1.26
N THR A 626 0.74 16.17 1.78
CA THR A 626 1.74 16.28 2.84
C THR A 626 1.33 17.13 4.04
N GLY A 627 1.95 16.82 5.17
CA GLY A 627 1.69 17.59 6.39
C GLY A 627 2.59 18.80 6.50
N ASP A 628 3.57 18.88 5.60
CA ASP A 628 4.53 19.97 5.56
C ASP A 628 3.83 21.17 4.94
N ASN A 629 4.47 22.34 4.99
CA ASN A 629 3.88 23.55 4.45
C ASN A 629 3.74 23.70 2.93
N LYS A 630 2.76 24.50 2.53
CA LYS A 630 2.47 24.68 1.12
C LYS A 630 3.60 25.19 0.24
N GLY A 631 4.31 26.18 0.70
CA GLY A 631 5.39 26.78 -0.07
C GLY A 631 6.43 25.74 -0.50
N THR A 632 6.88 24.91 0.43
CA THR A 632 7.91 23.91 0.09
C THR A 632 7.27 22.71 -0.63
N ALA A 633 6.00 22.49 -0.38
CA ALA A 633 5.26 21.39 -1.05
C ALA A 633 5.17 21.70 -2.54
N ILE A 634 4.81 22.94 -2.87
CA ILE A 634 4.73 23.36 -4.26
C ILE A 634 6.11 23.36 -4.92
N ALA A 635 7.13 23.77 -4.17
CA ALA A 635 8.49 23.82 -4.69
C ALA A 635 8.94 22.43 -5.09
N ILE A 636 8.73 21.46 -4.20
CA ILE A 636 9.10 20.09 -4.47
C ILE A 636 8.30 19.54 -5.66
N CYS A 637 7.06 19.98 -5.80
CA CYS A 637 6.23 19.52 -6.91
C CYS A 637 6.80 19.95 -8.26
N ARG A 638 7.38 21.14 -8.31
CA ARG A 638 8.00 21.64 -9.54
C ARG A 638 9.31 20.90 -9.77
N ARG A 639 10.02 20.58 -8.70
CA ARG A 639 11.29 19.87 -8.85
C ARG A 639 11.18 18.45 -9.38
N ILE A 640 10.06 17.78 -9.12
CA ILE A 640 9.88 16.41 -9.58
C ILE A 640 8.94 16.27 -10.80
N GLY A 641 8.38 17.39 -11.26
CA GLY A 641 7.52 17.32 -12.42
C GLY A 641 6.02 17.22 -12.22
N ILE A 642 5.54 17.45 -11.01
CA ILE A 642 4.11 17.40 -10.76
C ILE A 642 3.53 18.71 -11.27
N PHE A 643 4.35 19.77 -11.27
CA PHE A 643 3.94 21.09 -11.74
C PHE A 643 5.03 21.59 -12.68
N GLY A 644 4.68 22.51 -13.56
CA GLY A 644 5.67 23.05 -14.47
C GLY A 644 6.50 24.08 -13.74
N GLU A 645 7.75 24.22 -14.15
CA GLU A 645 8.63 25.19 -13.52
C GLU A 645 7.93 26.52 -13.29
N ASN A 646 7.09 26.93 -14.24
CA ASN A 646 6.38 28.20 -14.10
C ASN A 646 4.86 28.11 -14.13
N GLU A 647 4.33 26.92 -13.95
CA GLU A 647 2.90 26.72 -13.95
C GLU A 647 2.18 27.54 -12.85
N GLU A 648 1.00 28.02 -13.18
CA GLU A 648 0.20 28.79 -12.23
C GLU A 648 -0.60 27.75 -11.46
N VAL A 649 -0.48 27.74 -10.13
CA VAL A 649 -1.18 26.73 -9.33
C VAL A 649 -2.17 27.25 -8.28
N ALA A 650 -2.60 28.49 -8.43
CA ALA A 650 -3.56 29.07 -7.47
C ALA A 650 -4.71 28.12 -7.08
N ASP A 651 -5.26 27.42 -8.06
CA ASP A 651 -6.39 26.51 -7.84
C ASP A 651 -6.00 25.03 -7.89
N ARG A 652 -4.71 24.76 -8.04
CA ARG A 652 -4.21 23.39 -8.12
C ARG A 652 -3.44 22.93 -6.88
N ALA A 653 -3.48 23.71 -5.80
CA ALA A 653 -2.78 23.38 -4.56
C ALA A 653 -3.51 23.95 -3.35
N TYR A 654 -3.71 23.16 -2.33
CA TYR A 654 -4.43 23.65 -1.15
C TYR A 654 -3.82 23.15 0.15
N THR A 655 -4.13 23.86 1.20
CA THR A 655 -3.72 23.46 2.54
C THR A 655 -4.94 22.77 3.09
N GLY A 656 -4.75 22.03 4.14
CA GLY A 656 -5.86 21.31 4.77
C GLY A 656 -6.98 22.29 5.13
N ARG A 657 -6.60 23.42 5.74
CA ARG A 657 -7.58 24.41 6.17
C ARG A 657 -8.39 24.93 4.99
N GLU A 658 -7.70 25.31 3.92
CA GLU A 658 -8.37 25.81 2.74
C GLU A 658 -9.35 24.76 2.24
N PHE A 659 -8.88 23.52 2.12
CA PHE A 659 -9.71 22.41 1.65
C PHE A 659 -10.96 22.25 2.51
N ASP A 660 -10.80 22.34 3.84
CA ASP A 660 -11.91 22.20 4.77
C ASP A 660 -12.98 23.28 4.56
N ASP A 661 -12.57 24.42 4.00
CA ASP A 661 -13.51 25.51 3.77
C ASP A 661 -14.42 25.28 2.57
N LEU A 662 -13.91 24.66 1.53
CA LEU A 662 -14.72 24.40 0.36
C LEU A 662 -15.88 23.50 0.77
N PRO A 663 -17.04 23.65 0.13
CA PRO A 663 -18.14 22.77 0.52
C PRO A 663 -17.92 21.41 -0.13
N LEU A 664 -18.55 20.38 0.42
CA LEU A 664 -18.40 19.02 -0.08
C LEU A 664 -18.23 18.84 -1.59
N ALA A 665 -19.17 19.34 -2.38
CA ALA A 665 -19.04 19.16 -3.82
C ALA A 665 -17.76 19.79 -4.36
N GLU A 666 -17.35 20.90 -3.77
CA GLU A 666 -16.14 21.61 -4.18
C GLU A 666 -14.90 20.76 -3.82
N GLN A 667 -14.91 20.19 -2.62
CA GLN A 667 -13.82 19.34 -2.15
C GLN A 667 -13.59 18.20 -3.13
N ARG A 668 -14.68 17.58 -3.54
CA ARG A 668 -14.63 16.46 -4.47
C ARG A 668 -13.92 16.88 -5.75
N GLU A 669 -14.50 17.85 -6.45
CA GLU A 669 -13.93 18.37 -7.70
C GLU A 669 -12.46 18.73 -7.52
N ALA A 670 -12.15 19.30 -6.35
CA ALA A 670 -10.80 19.72 -6.03
C ALA A 670 -9.81 18.55 -6.13
N CYS A 671 -10.25 17.34 -5.80
CA CYS A 671 -9.35 16.20 -5.86
C CYS A 671 -9.06 15.77 -7.29
N ARG A 672 -9.87 16.23 -8.22
CA ARG A 672 -9.68 15.88 -9.61
C ARG A 672 -8.83 16.92 -10.29
N ARG A 673 -8.87 18.15 -9.79
CA ARG A 673 -8.13 19.26 -10.38
C ARG A 673 -6.78 19.54 -9.70
N ALA A 674 -6.76 19.52 -8.36
CA ALA A 674 -5.53 19.80 -7.61
C ALA A 674 -4.57 18.62 -7.54
N CYS A 675 -3.28 18.92 -7.50
CA CYS A 675 -2.26 17.89 -7.42
C CYS A 675 -1.33 18.05 -6.21
N CYS A 676 -1.61 19.05 -5.39
CA CYS A 676 -0.79 19.30 -4.23
C CYS A 676 -1.62 19.72 -3.03
N PHE A 677 -1.65 18.87 -2.00
CA PHE A 677 -2.38 19.15 -0.79
C PHE A 677 -1.34 19.23 0.31
N ALA A 678 -1.31 20.37 0.99
CA ALA A 678 -0.33 20.62 2.03
C ALA A 678 -0.87 20.96 3.43
N ARG A 679 0.00 20.85 4.43
CA ARG A 679 -0.34 21.16 5.80
C ARG A 679 -1.66 20.49 6.17
N VAL A 680 -1.75 19.21 5.85
CA VAL A 680 -2.92 18.41 6.10
C VAL A 680 -2.74 17.53 7.33
N GLU A 681 -3.85 16.95 7.77
CA GLU A 681 -3.86 16.08 8.94
C GLU A 681 -4.06 14.67 8.42
N PRO A 682 -3.86 13.67 9.29
CA PRO A 682 -4.03 12.26 8.89
C PRO A 682 -5.37 11.98 8.17
N SER A 683 -6.49 12.44 8.74
CA SER A 683 -7.81 12.21 8.13
C SER A 683 -8.03 12.94 6.80
N HIS A 684 -7.27 14.01 6.54
CA HIS A 684 -7.37 14.71 5.26
C HIS A 684 -6.86 13.78 4.15
N LYS A 685 -5.82 13.01 4.42
CA LYS A 685 -5.27 12.12 3.40
C LYS A 685 -6.26 11.02 3.04
N SER A 686 -6.92 10.43 4.04
CA SER A 686 -7.88 9.36 3.73
C SER A 686 -9.12 9.90 3.01
N LYS A 687 -9.51 11.12 3.35
CA LYS A 687 -10.66 11.76 2.72
C LYS A 687 -10.39 12.04 1.26
N ILE A 688 -9.15 12.44 0.95
CA ILE A 688 -8.82 12.71 -0.44
C ILE A 688 -8.84 11.42 -1.23
N VAL A 689 -8.30 10.34 -0.66
CA VAL A 689 -8.26 9.05 -1.32
C VAL A 689 -9.72 8.59 -1.58
N GLU A 690 -10.56 8.72 -0.57
CA GLU A 690 -11.97 8.36 -0.70
C GLU A 690 -12.66 9.16 -1.82
N TYR A 691 -12.49 10.49 -1.83
CA TYR A 691 -13.09 11.29 -2.90
C TYR A 691 -12.64 10.73 -4.25
N LEU A 692 -11.36 10.43 -4.38
CA LEU A 692 -10.83 9.87 -5.62
C LEU A 692 -11.56 8.57 -5.98
N GLN A 693 -11.90 7.79 -4.96
CA GLN A 693 -12.59 6.52 -5.17
C GLN A 693 -14.06 6.73 -5.50
N SER A 694 -14.62 7.89 -5.16
CA SER A 694 -16.02 8.17 -5.45
C SER A 694 -16.21 8.40 -6.94
N TYR A 695 -15.10 8.50 -7.67
CA TYR A 695 -15.14 8.66 -9.13
C TYR A 695 -14.77 7.31 -9.74
N ASP A 696 -14.83 6.27 -8.92
CA ASP A 696 -14.50 4.91 -9.35
C ASP A 696 -13.09 4.74 -9.91
N GLU A 697 -12.13 5.38 -9.27
CA GLU A 697 -10.75 5.24 -9.70
C GLU A 697 -10.02 4.34 -8.72
N ILE A 698 -9.14 3.50 -9.25
CA ILE A 698 -8.35 2.60 -8.42
C ILE A 698 -7.18 3.47 -7.99
N THR A 699 -7.15 3.78 -6.70
CA THR A 699 -6.12 4.63 -6.16
C THR A 699 -5.11 3.95 -5.25
N ALA A 700 -3.85 4.29 -5.48
CA ALA A 700 -2.75 3.80 -4.68
C ALA A 700 -2.32 4.95 -3.77
N MET A 701 -1.79 4.63 -2.60
CA MET A 701 -1.30 5.65 -1.67
C MET A 701 0.07 5.17 -1.26
N THR A 702 1.05 6.06 -1.31
CA THR A 702 2.39 5.67 -0.93
C THR A 702 2.95 6.64 0.12
N GLY A 703 3.43 6.09 1.24
CA GLY A 703 3.99 6.91 2.31
C GLY A 703 4.87 6.15 3.31
N ASP A 704 5.35 6.85 4.35
CA ASP A 704 6.23 6.23 5.33
C ASP A 704 5.87 6.55 6.78
N GLY A 705 4.96 7.51 6.98
CA GLY A 705 4.61 7.90 8.34
C GLY A 705 3.39 7.32 8.98
N VAL A 706 3.27 7.53 10.28
CA VAL A 706 2.11 7.08 11.04
C VAL A 706 0.90 7.85 10.54
N ASN A 707 1.10 9.11 10.18
CA ASN A 707 0.02 9.94 9.67
C ASN A 707 -0.47 9.50 8.28
N ASP A 708 0.29 8.62 7.64
CA ASP A 708 -0.08 8.11 6.31
C ASP A 708 -0.92 6.84 6.43
N ALA A 709 -1.01 6.31 7.65
CA ALA A 709 -1.73 5.06 7.89
C ALA A 709 -3.19 5.04 7.45
N PRO A 710 -3.99 6.02 7.87
CA PRO A 710 -5.39 6.00 7.43
C PRO A 710 -5.52 5.94 5.91
N ALA A 711 -4.78 6.79 5.22
CA ALA A 711 -4.86 6.80 3.76
C ALA A 711 -4.36 5.48 3.18
N LEU A 712 -3.24 4.98 3.71
CA LEU A 712 -2.69 3.72 3.22
C LEU A 712 -3.71 2.61 3.38
N LYS A 713 -4.39 2.62 4.52
CA LYS A 713 -5.41 1.63 4.79
C LYS A 713 -6.52 1.78 3.73
N LYS A 714 -7.02 3.00 3.58
CA LYS A 714 -8.10 3.29 2.63
C LYS A 714 -7.82 3.01 1.15
N ALA A 715 -6.63 3.35 0.67
CA ALA A 715 -6.31 3.10 -0.74
C ALA A 715 -6.51 1.64 -1.12
N GLU A 716 -6.79 1.38 -2.40
CA GLU A 716 -6.94 -0.01 -2.84
C GLU A 716 -5.57 -0.66 -2.67
N ILE A 717 -4.52 0.11 -2.94
CA ILE A 717 -3.16 -0.39 -2.82
C ILE A 717 -2.27 0.54 -2.00
N GLY A 718 -2.13 0.24 -0.72
CA GLY A 718 -1.28 1.04 0.14
C GLY A 718 0.16 0.57 0.00
N ILE A 719 1.07 1.50 -0.26
CA ILE A 719 2.47 1.15 -0.44
C ILE A 719 3.38 1.90 0.54
N ALA A 720 4.02 1.17 1.45
CA ALA A 720 4.88 1.77 2.45
C ALA A 720 6.36 1.73 2.06
N MET A 721 7.13 2.67 2.60
CA MET A 721 8.56 2.71 2.31
C MET A 721 9.27 1.68 3.19
N GLY A 722 10.17 0.91 2.58
CA GLY A 722 10.90 -0.11 3.31
C GLY A 722 11.57 0.44 4.56
N SER A 723 12.09 1.65 4.49
CA SER A 723 12.74 2.20 5.66
C SER A 723 11.83 3.19 6.39
N GLY A 724 10.52 2.91 6.41
CA GLY A 724 9.61 3.82 7.07
C GLY A 724 9.03 3.15 8.29
N THR A 725 8.07 3.80 8.95
CA THR A 725 7.45 3.28 10.16
C THR A 725 6.77 1.93 10.04
N ALA A 726 6.73 1.23 11.17
CA ALA A 726 6.11 -0.08 11.24
C ALA A 726 4.61 0.11 11.01
N VAL A 727 4.04 1.19 11.55
CA VAL A 727 2.62 1.44 11.38
C VAL A 727 2.30 1.49 9.88
N ALA A 728 3.02 2.33 9.14
CA ALA A 728 2.79 2.44 7.72
C ALA A 728 2.88 1.07 7.05
N LYS A 729 3.91 0.32 7.39
CA LYS A 729 4.12 -1.01 6.80
C LYS A 729 2.99 -1.98 7.05
N THR A 730 2.54 -2.06 8.30
CA THR A 730 1.46 -2.98 8.64
C THR A 730 0.11 -2.55 8.12
N ALA A 731 0.03 -1.38 7.51
CA ALA A 731 -1.24 -0.90 6.99
C ALA A 731 -1.22 -0.95 5.47
N SER A 732 -0.08 -1.32 4.91
CA SER A 732 0.08 -1.38 3.47
C SER A 732 -0.15 -2.75 2.83
N GLU A 733 -0.29 -2.72 1.51
CA GLU A 733 -0.49 -3.94 0.74
C GLU A 733 0.90 -4.31 0.21
N MET A 734 1.76 -3.30 0.11
CA MET A 734 3.11 -3.51 -0.38
C MET A 734 4.14 -2.63 0.30
N VAL A 735 5.38 -3.10 0.33
CA VAL A 735 6.48 -2.37 0.93
C VAL A 735 7.63 -2.30 -0.06
N LEU A 736 8.15 -1.11 -0.31
CA LEU A 736 9.27 -0.94 -1.22
C LEU A 736 10.58 -1.07 -0.45
N ALA A 737 11.00 -2.30 -0.20
CA ALA A 737 12.24 -2.58 0.54
C ALA A 737 13.40 -1.71 0.08
N ASP A 738 13.36 -1.31 -1.18
CA ASP A 738 14.38 -0.51 -1.83
C ASP A 738 14.23 1.01 -1.63
N ASP A 739 13.03 1.43 -1.22
CA ASP A 739 12.71 2.85 -1.00
C ASP A 739 12.72 3.69 -2.27
N ASN A 740 12.65 3.04 -3.43
CA ASN A 740 12.65 3.77 -4.69
C ASN A 740 11.26 3.82 -5.32
N PHE A 741 10.90 4.99 -5.84
CA PHE A 741 9.61 5.16 -6.48
C PHE A 741 9.60 4.30 -7.74
N SER A 742 10.77 4.12 -8.29
CA SER A 742 10.89 3.35 -9.54
C SER A 742 10.27 1.96 -9.38
N THR A 743 10.51 1.37 -8.23
CA THR A 743 9.99 0.03 -7.92
C THR A 743 8.47 -0.02 -8.13
N ILE A 744 7.79 1.06 -7.75
CA ILE A 744 6.33 1.13 -7.89
C ILE A 744 5.94 0.90 -9.36
N VAL A 745 6.66 1.57 -10.24
CA VAL A 745 6.43 1.47 -11.69
C VAL A 745 6.55 0.01 -12.15
N ALA A 746 7.62 -0.67 -11.76
CA ALA A 746 7.83 -2.06 -12.14
C ALA A 746 6.76 -2.97 -11.54
N ALA A 747 6.16 -2.53 -10.44
CA ALA A 747 5.12 -3.30 -9.77
C ALA A 747 3.81 -3.15 -10.51
N VAL A 748 3.61 -1.99 -11.13
CA VAL A 748 2.39 -1.74 -11.88
C VAL A 748 2.50 -2.56 -13.17
N GLU A 749 3.69 -2.60 -13.74
CA GLU A 749 3.94 -3.35 -14.96
C GLU A 749 3.71 -4.84 -14.69
N GLU A 750 4.28 -5.31 -13.59
CA GLU A 750 4.13 -6.71 -13.22
C GLU A 750 2.64 -6.95 -12.98
N GLY A 751 1.95 -5.95 -12.47
CA GLY A 751 0.53 -6.06 -12.19
C GLY A 751 -0.31 -6.16 -13.44
N ARG A 752 0.06 -5.43 -14.48
CA ARG A 752 -0.67 -5.47 -15.73
C ARG A 752 -0.45 -6.80 -16.45
N ALA A 753 0.80 -7.26 -16.47
CA ALA A 753 1.14 -8.51 -17.10
C ALA A 753 0.41 -9.69 -16.46
N ILE A 754 0.51 -9.79 -15.13
CA ILE A 754 -0.16 -10.89 -14.41
C ILE A 754 -1.63 -10.96 -14.78
N TYR A 755 -2.36 -9.86 -14.61
CA TYR A 755 -3.77 -9.87 -14.93
C TYR A 755 -4.04 -10.35 -16.35
N ASN A 756 -3.19 -9.95 -17.30
CA ASN A 756 -3.37 -10.38 -18.67
C ASN A 756 -3.37 -11.90 -18.77
N ASN A 757 -2.44 -12.53 -18.07
CA ASN A 757 -2.36 -13.97 -18.07
C ASN A 757 -3.51 -14.57 -17.27
N MET A 758 -3.88 -13.95 -16.17
CA MET A 758 -5.00 -14.46 -15.37
C MET A 758 -6.26 -14.39 -16.22
N LYS A 759 -6.30 -13.43 -17.13
CA LYS A 759 -7.47 -13.25 -17.99
C LYS A 759 -7.68 -14.49 -18.85
N GLN A 760 -6.60 -15.01 -19.40
CA GLN A 760 -6.66 -16.18 -20.26
C GLN A 760 -7.13 -17.45 -19.54
N PHE A 761 -6.41 -17.86 -18.50
CA PHE A 761 -6.82 -19.07 -17.80
C PHE A 761 -8.11 -18.91 -17.00
N ILE A 762 -8.66 -17.69 -16.95
CA ILE A 762 -9.92 -17.48 -16.25
C ILE A 762 -10.98 -17.82 -17.29
N ARG A 763 -10.62 -17.57 -18.55
CA ARG A 763 -11.49 -17.85 -19.68
C ARG A 763 -11.40 -19.34 -19.99
N TYR A 764 -10.18 -19.84 -20.07
CA TYR A 764 -9.93 -21.25 -20.35
C TYR A 764 -10.78 -22.16 -19.46
N LEU A 765 -10.62 -22.01 -18.14
CA LEU A 765 -11.37 -22.83 -17.19
C LEU A 765 -12.87 -22.64 -17.32
N ILE A 766 -13.34 -21.40 -17.22
CA ILE A 766 -14.76 -21.12 -17.33
C ILE A 766 -15.28 -21.69 -18.65
N SER A 767 -14.46 -21.60 -19.69
CA SER A 767 -14.81 -22.10 -21.02
C SER A 767 -15.08 -23.60 -20.93
N SER A 768 -14.14 -24.31 -20.34
CA SER A 768 -14.25 -25.74 -20.17
C SER A 768 -15.59 -26.04 -19.51
N ASN A 769 -15.84 -25.43 -18.37
CA ASN A 769 -17.08 -25.63 -17.62
C ASN A 769 -18.33 -25.44 -18.47
N VAL A 770 -18.22 -24.70 -19.57
CA VAL A 770 -19.35 -24.47 -20.44
C VAL A 770 -19.71 -25.76 -21.17
N GLY A 771 -18.72 -26.33 -21.86
CA GLY A 771 -18.92 -27.56 -22.60
C GLY A 771 -19.47 -28.68 -21.73
N GLU A 772 -19.09 -28.65 -20.46
CA GLU A 772 -19.55 -29.66 -19.50
C GLU A 772 -21.04 -29.52 -19.24
N VAL A 773 -21.51 -28.30 -19.02
CA VAL A 773 -22.92 -28.08 -18.76
C VAL A 773 -23.77 -28.37 -19.99
N VAL A 774 -23.18 -28.17 -21.17
CA VAL A 774 -23.90 -28.42 -22.41
C VAL A 774 -24.15 -29.93 -22.49
N CYS A 775 -23.19 -30.70 -22.01
CA CYS A 775 -23.28 -32.15 -22.00
C CYS A 775 -24.37 -32.62 -21.04
N ILE A 776 -24.20 -32.30 -19.77
CA ILE A 776 -25.18 -32.70 -18.75
C ILE A 776 -26.59 -32.28 -19.15
N PHE A 777 -26.70 -31.17 -19.87
CA PHE A 777 -28.00 -30.68 -20.31
C PHE A 777 -28.60 -31.61 -21.36
N LEU A 778 -27.79 -31.96 -22.36
CA LEU A 778 -28.23 -32.84 -23.43
C LEU A 778 -28.68 -34.19 -22.87
N THR A 779 -27.75 -34.90 -22.23
CA THR A 779 -28.06 -36.19 -21.64
C THR A 779 -28.91 -36.04 -20.37
N ALA A 780 -29.95 -35.21 -20.48
CA ALA A 780 -30.87 -34.94 -19.37
C ALA A 780 -32.27 -34.75 -19.89
N ALA A 781 -32.38 -34.11 -21.06
CA ALA A 781 -33.67 -33.86 -21.69
C ALA A 781 -33.71 -34.59 -23.02
N LEU A 782 -32.70 -35.42 -23.26
CA LEU A 782 -32.61 -36.19 -24.49
C LEU A 782 -32.80 -37.68 -24.20
N GLY A 783 -32.81 -38.03 -22.91
CA GLY A 783 -33.18 -39.38 -22.46
C GLY A 783 -31.92 -40.25 -22.21
N LEU A 784 -30.91 -40.02 -23.02
CA LEU A 784 -29.61 -40.76 -22.97
C LEU A 784 -29.04 -40.99 -21.54
N PRO A 785 -28.24 -42.10 -21.35
CA PRO A 785 -27.52 -42.40 -20.10
C PRO A 785 -26.43 -41.36 -19.84
N GLU A 786 -25.78 -41.42 -18.69
CA GLU A 786 -24.77 -40.47 -18.19
C GLU A 786 -23.41 -40.67 -18.87
N ALA A 787 -23.10 -39.75 -19.78
CA ALA A 787 -21.82 -39.76 -20.53
C ALA A 787 -20.65 -39.43 -19.60
N LEU A 788 -20.90 -38.67 -18.53
CA LEU A 788 -19.88 -38.29 -17.56
C LEU A 788 -20.53 -38.03 -16.19
N ILE A 789 -20.03 -38.72 -15.16
CA ILE A 789 -20.58 -38.57 -13.82
C ILE A 789 -19.89 -37.42 -13.09
N PRO A 790 -20.60 -36.77 -12.14
CA PRO A 790 -20.05 -35.64 -11.38
C PRO A 790 -18.85 -35.98 -10.49
N VAL A 791 -18.40 -37.23 -10.55
CA VAL A 791 -17.26 -37.66 -9.75
C VAL A 791 -15.99 -37.68 -10.59
N GLN A 792 -16.13 -37.38 -11.88
CA GLN A 792 -15.00 -37.38 -12.80
C GLN A 792 -14.64 -35.94 -13.12
N LEU A 793 -15.66 -35.12 -13.30
CA LEU A 793 -15.49 -33.71 -13.61
C LEU A 793 -14.49 -33.06 -12.66
N LEU A 794 -14.66 -33.29 -11.37
CA LEU A 794 -13.78 -32.72 -10.36
C LEU A 794 -12.31 -32.93 -10.70
N TRP A 795 -11.95 -34.18 -11.00
CA TRP A 795 -10.55 -34.47 -11.31
C TRP A 795 -10.10 -33.68 -12.54
N VAL A 796 -11.00 -33.54 -13.48
CA VAL A 796 -10.72 -32.82 -14.72
C VAL A 796 -10.50 -31.34 -14.45
N ASN A 797 -11.35 -30.80 -13.66
CA ASN A 797 -11.28 -29.37 -13.35
C ASN A 797 -10.29 -29.09 -12.23
N LEU A 798 -9.45 -30.08 -11.91
CA LEU A 798 -8.48 -29.89 -10.82
C LEU A 798 -7.06 -30.27 -11.27
N VAL A 799 -6.98 -31.36 -12.02
CA VAL A 799 -5.68 -31.85 -12.51
C VAL A 799 -5.57 -31.78 -14.04
N THR A 800 -6.64 -32.10 -14.71
CA THR A 800 -6.65 -32.08 -16.17
C THR A 800 -6.47 -30.65 -16.69
N ASP A 801 -7.34 -29.75 -16.25
CA ASP A 801 -7.28 -28.35 -16.67
C ASP A 801 -6.41 -27.53 -15.72
N GLY A 802 -6.36 -27.95 -14.47
CA GLY A 802 -5.57 -27.25 -13.47
C GLY A 802 -4.12 -27.04 -13.83
N LEU A 803 -3.60 -27.88 -14.73
CA LEU A 803 -2.21 -27.78 -15.15
C LEU A 803 -2.02 -26.78 -16.29
N PRO A 804 -2.84 -26.89 -17.35
CA PRO A 804 -2.72 -25.97 -18.49
C PRO A 804 -2.95 -24.53 -18.04
N ALA A 805 -3.84 -24.38 -17.06
CA ALA A 805 -4.16 -23.06 -16.52
C ALA A 805 -2.88 -22.42 -15.98
N THR A 806 -2.31 -23.05 -14.96
CA THR A 806 -1.08 -22.57 -14.35
C THR A 806 0.02 -22.34 -15.39
N ALA A 807 -0.08 -23.05 -16.51
CA ALA A 807 0.90 -22.92 -17.58
C ALA A 807 0.63 -21.65 -18.39
N LEU A 808 -0.63 -21.28 -18.50
CA LEU A 808 -1.02 -20.08 -19.24
C LEU A 808 -0.60 -18.83 -18.49
N GLY A 809 -0.53 -18.93 -17.17
CA GLY A 809 -0.13 -17.79 -16.36
C GLY A 809 1.30 -17.40 -16.65
N PHE A 810 1.91 -18.05 -17.64
CA PHE A 810 3.29 -17.75 -18.02
C PHE A 810 3.42 -17.22 -19.44
N ASN A 811 2.31 -16.95 -20.09
CA ASN A 811 2.35 -16.43 -21.46
C ASN A 811 3.23 -15.19 -21.50
N PRO A 812 4.05 -15.05 -22.55
CA PRO A 812 4.93 -13.88 -22.65
C PRO A 812 4.11 -12.59 -22.75
N PRO A 813 4.39 -11.62 -21.85
CA PRO A 813 3.69 -10.33 -21.82
C PRO A 813 4.00 -9.46 -23.04
N ASP A 814 3.12 -8.51 -23.32
CA ASP A 814 3.28 -7.61 -24.46
C ASP A 814 4.44 -6.65 -24.22
N LEU A 815 4.70 -5.79 -25.20
CA LEU A 815 5.78 -4.81 -25.09
C LEU A 815 5.17 -3.45 -24.76
N ASP A 816 4.05 -3.15 -25.40
CA ASP A 816 3.32 -1.90 -25.20
C ASP A 816 2.57 -1.92 -23.88
N ILE A 817 2.84 -2.91 -23.04
CA ILE A 817 2.15 -3.05 -21.77
C ILE A 817 2.06 -1.74 -20.97
N MET A 818 3.15 -0.98 -20.91
CA MET A 818 3.17 0.27 -20.15
C MET A 818 2.98 1.53 -20.99
N ASP A 819 2.34 1.40 -22.14
CA ASP A 819 2.10 2.56 -23.00
C ASP A 819 0.61 2.73 -23.23
N ARG A 820 -0.17 1.94 -22.53
CA ARG A 820 -1.62 1.99 -22.63
C ARG A 820 -2.17 2.50 -21.30
N PRO A 821 -3.32 3.19 -21.34
CA PRO A 821 -3.94 3.73 -20.12
C PRO A 821 -4.54 2.64 -19.23
N PRO A 822 -4.72 2.94 -17.93
CA PRO A 822 -5.29 1.97 -16.99
C PRO A 822 -6.60 1.38 -17.51
N ARG A 823 -6.76 0.07 -17.37
CA ARG A 823 -7.98 -0.57 -17.84
C ARG A 823 -9.08 -0.28 -16.84
N SER A 824 -10.32 -0.17 -17.32
CA SER A 824 -11.44 0.10 -16.45
C SER A 824 -11.74 -1.06 -15.51
N PRO A 825 -12.15 -0.73 -14.28
CA PRO A 825 -12.46 -1.76 -13.28
C PRO A 825 -13.65 -2.59 -13.76
N LYS A 826 -14.47 -1.98 -14.62
CA LYS A 826 -15.66 -2.61 -15.14
C LYS A 826 -15.42 -3.51 -16.35
N GLU A 827 -14.32 -3.28 -17.06
CA GLU A 827 -13.99 -4.09 -18.24
C GLU A 827 -14.26 -5.58 -17.98
N PRO A 828 -15.31 -6.13 -18.61
CA PRO A 828 -15.71 -7.53 -18.46
C PRO A 828 -14.74 -8.53 -19.09
N LEU A 829 -14.67 -9.72 -18.50
CA LEU A 829 -13.79 -10.79 -18.97
C LEU A 829 -14.30 -11.42 -20.27
N ILE A 830 -15.60 -11.66 -20.33
CA ILE A 830 -16.21 -12.26 -21.52
C ILE A 830 -17.47 -11.52 -21.95
N SER A 831 -17.43 -10.99 -23.17
CA SER A 831 -18.56 -10.26 -23.74
C SER A 831 -18.29 -9.98 -25.21
N GLY A 832 -19.32 -9.58 -25.94
CA GLY A 832 -19.16 -9.31 -27.36
C GLY A 832 -18.91 -10.58 -28.15
N TRP A 833 -18.09 -10.49 -29.19
CA TRP A 833 -17.77 -11.64 -30.02
C TRP A 833 -17.14 -12.76 -29.20
N LEU A 834 -16.48 -12.42 -28.10
CA LEU A 834 -15.84 -13.41 -27.26
C LEU A 834 -16.88 -14.19 -26.45
N PHE A 835 -18.09 -13.63 -26.34
CA PHE A 835 -19.18 -14.28 -25.61
C PHE A 835 -19.74 -15.37 -26.52
N PHE A 836 -19.83 -15.04 -27.81
CA PHE A 836 -20.33 -15.97 -28.81
C PHE A 836 -19.30 -17.02 -29.15
N ARG A 837 -18.06 -16.58 -29.38
CA ARG A 837 -16.99 -17.51 -29.72
C ARG A 837 -16.88 -18.65 -28.72
N TYR A 838 -17.09 -18.34 -27.44
CA TYR A 838 -17.01 -19.37 -26.39
C TYR A 838 -18.36 -20.07 -26.24
N MET A 839 -19.38 -19.53 -26.88
CA MET A 839 -20.72 -20.12 -26.83
C MET A 839 -20.71 -21.29 -27.80
N ALA A 840 -20.12 -21.08 -28.97
CA ALA A 840 -20.03 -22.11 -29.99
C ALA A 840 -19.19 -23.26 -29.44
N ILE A 841 -17.95 -22.97 -29.08
CA ILE A 841 -17.06 -23.98 -28.53
C ILE A 841 -17.74 -24.67 -27.35
N GLY A 842 -18.55 -23.91 -26.63
CA GLY A 842 -19.26 -24.45 -25.48
C GLY A 842 -20.21 -25.57 -25.86
N GLY A 843 -21.23 -25.23 -26.64
CA GLY A 843 -22.19 -26.24 -27.05
C GLY A 843 -21.51 -27.39 -27.77
N TYR A 844 -20.48 -27.07 -28.55
CA TYR A 844 -19.73 -28.08 -29.30
C TYR A 844 -19.26 -29.22 -28.39
N VAL A 845 -18.43 -28.88 -27.40
CA VAL A 845 -17.92 -29.88 -26.46
C VAL A 845 -19.08 -30.64 -25.81
N GLY A 846 -20.19 -29.93 -25.59
CA GLY A 846 -21.35 -30.56 -24.98
C GLY A 846 -21.81 -31.74 -25.79
N ALA A 847 -21.90 -31.56 -27.10
CA ALA A 847 -22.33 -32.62 -28.02
C ALA A 847 -21.14 -33.45 -28.48
N ALA A 848 -19.94 -32.92 -28.31
CA ALA A 848 -18.73 -33.63 -28.70
C ALA A 848 -18.53 -34.82 -27.79
N THR A 849 -18.96 -34.68 -26.55
CA THR A 849 -18.82 -35.77 -25.58
C THR A 849 -20.03 -36.71 -25.66
N VAL A 850 -21.23 -36.14 -25.67
CA VAL A 850 -22.45 -36.93 -25.76
C VAL A 850 -22.47 -37.73 -27.06
N GLY A 851 -21.85 -37.17 -28.09
CA GLY A 851 -21.79 -37.85 -29.37
C GLY A 851 -20.91 -39.08 -29.29
N ALA A 852 -19.81 -38.97 -28.56
CA ALA A 852 -18.88 -40.09 -28.40
C ALA A 852 -19.49 -41.17 -27.51
N ALA A 853 -20.46 -40.78 -26.70
CA ALA A 853 -21.14 -41.72 -25.81
C ALA A 853 -22.20 -42.49 -26.58
N ALA A 854 -23.02 -41.77 -27.33
CA ALA A 854 -24.07 -42.39 -28.13
C ALA A 854 -23.45 -43.10 -29.32
N TRP A 855 -22.15 -42.90 -29.52
CA TRP A 855 -21.43 -43.53 -30.62
C TRP A 855 -21.03 -44.95 -30.26
N TRP A 856 -20.71 -45.18 -28.99
CA TRP A 856 -20.30 -46.50 -28.52
C TRP A 856 -21.49 -47.45 -28.50
N PHE A 857 -22.65 -46.95 -28.91
CA PHE A 857 -23.86 -47.75 -28.96
C PHE A 857 -24.27 -48.02 -30.41
N MET A 858 -24.96 -47.05 -31.01
CA MET A 858 -25.41 -47.18 -32.39
C MET A 858 -24.25 -47.49 -33.34
N TYR A 859 -23.69 -46.44 -33.93
CA TYR A 859 -22.57 -46.59 -34.86
C TYR A 859 -21.31 -46.90 -34.06
N ALA A 860 -21.19 -48.14 -33.59
CA ALA A 860 -20.04 -48.54 -32.78
C ALA A 860 -19.30 -49.76 -33.31
N GLU A 861 -18.61 -50.44 -32.41
CA GLU A 861 -17.85 -51.65 -32.73
C GLU A 861 -18.21 -52.77 -31.76
N ASP A 862 -17.60 -52.73 -30.57
CA ASP A 862 -17.82 -53.74 -29.56
C ASP A 862 -19.05 -53.46 -28.70
N GLY A 863 -19.96 -52.63 -29.20
CA GLY A 863 -21.14 -52.31 -28.44
C GLY A 863 -22.42 -52.61 -29.19
N PRO A 864 -23.53 -52.85 -28.48
CA PRO A 864 -24.82 -53.15 -29.13
C PRO A 864 -25.29 -52.02 -30.03
N GLY A 865 -25.44 -52.31 -31.32
CA GLY A 865 -25.90 -51.31 -32.27
C GLY A 865 -27.30 -50.78 -31.99
N VAL A 866 -27.66 -50.77 -30.71
CA VAL A 866 -28.96 -50.28 -30.24
C VAL A 866 -29.43 -49.10 -31.10
N THR A 867 -30.72 -49.06 -31.41
CA THR A 867 -31.28 -47.98 -32.22
C THR A 867 -31.41 -46.75 -31.32
N TYR A 868 -31.30 -45.57 -31.92
CA TYR A 868 -31.40 -44.34 -31.16
C TYR A 868 -32.62 -44.31 -30.24
N HIS A 869 -33.74 -44.86 -30.72
CA HIS A 869 -34.97 -44.89 -29.94
C HIS A 869 -34.87 -45.78 -28.70
N GLN A 870 -34.33 -46.97 -28.87
CA GLN A 870 -34.18 -47.88 -27.75
C GLN A 870 -32.96 -47.50 -26.93
N LEU A 871 -32.25 -46.47 -27.39
CA LEU A 871 -31.07 -45.97 -26.69
C LEU A 871 -31.54 -44.90 -25.71
N THR A 872 -32.42 -44.03 -26.18
CA THR A 872 -32.97 -42.96 -25.36
C THR A 872 -33.88 -43.56 -24.29
N HIS A 873 -34.48 -44.70 -24.63
CA HIS A 873 -35.36 -45.40 -23.69
C HIS A 873 -34.60 -46.54 -23.03
N PHE A 874 -33.30 -46.32 -22.80
CA PHE A 874 -32.45 -47.34 -22.19
C PHE A 874 -32.93 -47.76 -20.80
N MET A 875 -33.89 -47.01 -20.25
CA MET A 875 -34.44 -47.31 -18.94
C MET A 875 -35.23 -48.61 -19.02
N GLN A 876 -36.29 -48.57 -19.83
CA GLN A 876 -37.19 -49.70 -20.02
C GLN A 876 -36.47 -50.90 -20.64
N CYS A 877 -35.72 -51.62 -19.81
CA CYS A 877 -34.99 -52.80 -20.27
C CYS A 877 -35.42 -54.00 -19.45
N THR A 878 -35.33 -53.87 -18.12
CA THR A 878 -35.71 -54.95 -17.22
C THR A 878 -37.20 -54.90 -16.90
N GLU A 879 -37.92 -53.94 -17.49
CA GLU A 879 -39.35 -53.81 -17.25
C GLU A 879 -40.14 -54.00 -18.54
N ASP A 880 -39.51 -53.73 -19.67
CA ASP A 880 -40.14 -53.86 -20.97
C ASP A 880 -39.23 -54.64 -21.92
N HIS A 881 -39.07 -55.93 -21.65
CA HIS A 881 -38.23 -56.81 -22.45
C HIS A 881 -38.68 -56.93 -23.91
N PRO A 882 -40.00 -57.08 -24.14
CA PRO A 882 -40.54 -57.19 -25.51
C PRO A 882 -39.99 -56.16 -26.50
N HIS A 883 -40.55 -54.97 -26.45
CA HIS A 883 -40.15 -53.88 -27.34
C HIS A 883 -38.64 -53.72 -27.39
N PHE A 884 -38.03 -53.44 -26.25
CA PHE A 884 -36.58 -53.26 -26.15
C PHE A 884 -35.89 -54.55 -25.74
N GLU A 885 -35.06 -55.09 -26.63
CA GLU A 885 -34.34 -56.32 -26.35
C GLU A 885 -33.23 -56.60 -27.36
N GLY A 886 -32.16 -57.22 -26.89
CA GLY A 886 -31.04 -57.55 -27.74
C GLY A 886 -29.97 -58.28 -26.94
N LEU A 887 -29.29 -57.55 -26.05
CA LEU A 887 -28.25 -58.13 -25.20
C LEU A 887 -28.64 -57.97 -23.74
N ASP A 888 -27.63 -57.90 -22.87
CA ASP A 888 -27.84 -57.76 -21.44
C ASP A 888 -28.22 -56.32 -21.07
N CYS A 889 -29.02 -56.16 -20.01
CA CYS A 889 -29.45 -54.83 -19.56
C CYS A 889 -28.39 -54.14 -18.71
N GLU A 890 -27.19 -54.70 -18.67
CA GLU A 890 -26.11 -54.13 -17.88
C GLU A 890 -24.92 -53.76 -18.77
N ILE A 891 -25.21 -53.01 -19.84
CA ILE A 891 -24.16 -52.59 -20.76
C ILE A 891 -24.16 -51.06 -20.80
N PHE A 892 -25.17 -50.47 -20.15
CA PHE A 892 -25.28 -49.01 -20.08
C PHE A 892 -24.26 -48.47 -19.09
N GLU A 893 -24.33 -48.96 -17.86
CA GLU A 893 -23.40 -48.53 -16.82
C GLU A 893 -22.02 -49.14 -17.05
N ALA A 894 -21.72 -49.46 -18.30
CA ALA A 894 -20.44 -50.05 -18.66
C ALA A 894 -19.33 -49.00 -18.69
N PRO A 895 -18.11 -49.39 -18.28
CA PRO A 895 -16.96 -48.48 -18.26
C PRO A 895 -16.38 -48.25 -19.65
N GLU A 896 -17.26 -48.11 -20.64
CA GLU A 896 -16.83 -47.86 -22.02
C GLU A 896 -17.42 -46.55 -22.57
N PRO A 897 -18.75 -46.40 -22.52
CA PRO A 897 -19.37 -45.16 -23.03
C PRO A 897 -18.90 -43.92 -22.29
N MET A 898 -18.83 -44.00 -20.97
CA MET A 898 -18.37 -42.88 -20.14
C MET A 898 -16.89 -42.67 -20.34
N THR A 899 -16.17 -43.75 -20.58
CA THR A 899 -14.73 -43.69 -20.78
C THR A 899 -14.42 -43.29 -22.22
N MET A 900 -15.46 -42.94 -22.97
CA MET A 900 -15.29 -42.53 -24.36
C MET A 900 -15.56 -41.04 -24.48
N ALA A 901 -16.35 -40.50 -23.56
CA ALA A 901 -16.68 -39.08 -23.55
C ALA A 901 -15.64 -38.29 -22.78
N LEU A 902 -15.09 -38.89 -21.73
CA LEU A 902 -14.08 -38.23 -20.91
C LEU A 902 -12.80 -38.04 -21.71
N SER A 903 -12.52 -38.97 -22.62
CA SER A 903 -11.33 -38.89 -23.45
C SER A 903 -11.48 -37.73 -24.42
N VAL A 904 -12.72 -37.49 -24.84
CA VAL A 904 -13.01 -36.40 -25.75
C VAL A 904 -12.83 -35.09 -24.99
N LEU A 905 -13.59 -34.92 -23.92
CA LEU A 905 -13.52 -33.72 -23.10
C LEU A 905 -12.06 -33.34 -22.86
N VAL A 906 -11.29 -34.30 -22.36
CA VAL A 906 -9.88 -34.06 -22.07
C VAL A 906 -9.08 -33.66 -23.31
N THR A 907 -9.25 -34.38 -24.41
CA THR A 907 -8.53 -34.05 -25.63
C THR A 907 -8.92 -32.65 -26.12
N ILE A 908 -10.17 -32.28 -25.90
CA ILE A 908 -10.64 -30.96 -26.32
C ILE A 908 -9.97 -29.86 -25.50
N GLU A 909 -10.07 -29.97 -24.18
CA GLU A 909 -9.47 -28.99 -23.29
C GLU A 909 -7.95 -28.92 -23.43
N MET A 910 -7.35 -30.00 -23.93
CA MET A 910 -5.90 -30.02 -24.12
C MET A 910 -5.61 -29.28 -25.42
N CYS A 911 -6.66 -29.00 -26.17
CA CYS A 911 -6.55 -28.26 -27.43
C CYS A 911 -7.01 -26.83 -27.16
N ASN A 912 -7.94 -26.69 -26.22
CA ASN A 912 -8.50 -25.40 -25.85
C ASN A 912 -7.45 -24.56 -25.12
N ALA A 913 -6.49 -25.24 -24.49
CA ALA A 913 -5.43 -24.55 -23.75
C ALA A 913 -4.48 -23.90 -24.75
N LEU A 914 -4.49 -24.41 -25.97
CA LEU A 914 -3.64 -23.86 -27.02
C LEU A 914 -4.41 -22.72 -27.70
N ASN A 915 -5.73 -22.80 -27.60
CA ASN A 915 -6.60 -21.78 -28.18
C ASN A 915 -6.63 -20.56 -27.28
N SER A 916 -6.27 -20.77 -26.02
CA SER A 916 -6.27 -19.68 -25.04
C SER A 916 -4.90 -19.00 -24.93
N LEU A 917 -4.00 -19.32 -25.86
CA LEU A 917 -2.68 -18.70 -25.86
C LEU A 917 -2.74 -17.29 -26.43
N SER A 918 -3.96 -16.88 -26.82
CA SER A 918 -4.17 -15.56 -27.39
C SER A 918 -5.65 -15.38 -27.72
N GLU A 919 -6.16 -14.18 -27.48
CA GLU A 919 -7.56 -13.91 -27.77
C GLU A 919 -7.82 -14.03 -29.26
N ASN A 920 -7.53 -12.98 -30.02
CA ASN A 920 -7.75 -12.98 -31.45
C ASN A 920 -6.48 -13.27 -32.25
N GLN A 921 -5.90 -14.44 -32.03
CA GLN A 921 -4.68 -14.81 -32.74
C GLN A 921 -4.66 -16.27 -33.16
N SER A 922 -4.50 -16.50 -34.45
CA SER A 922 -4.45 -17.86 -35.01
C SER A 922 -3.23 -18.60 -34.47
N LEU A 923 -3.45 -19.78 -33.92
CA LEU A 923 -2.36 -20.58 -33.37
C LEU A 923 -1.22 -20.73 -34.37
N MET A 924 -1.53 -20.62 -35.65
CA MET A 924 -0.51 -20.75 -36.68
C MET A 924 0.37 -19.51 -36.66
N ARG A 925 -0.26 -18.34 -36.50
CA ARG A 925 0.48 -17.08 -36.47
C ARG A 925 1.26 -16.97 -35.16
N MET A 926 0.65 -17.44 -34.07
CA MET A 926 1.27 -17.40 -32.76
C MET A 926 1.62 -18.82 -32.33
N PRO A 927 2.84 -19.29 -32.66
CA PRO A 927 3.34 -20.63 -32.34
C PRO A 927 2.84 -21.19 -31.00
N PRO A 928 2.07 -22.28 -31.05
CA PRO A 928 1.53 -22.93 -29.85
C PRO A 928 2.63 -23.53 -28.98
N TRP A 929 3.88 -23.35 -29.40
CA TRP A 929 5.01 -23.86 -28.65
C TRP A 929 5.83 -22.75 -27.99
N VAL A 930 5.29 -21.53 -28.05
CA VAL A 930 5.96 -20.38 -27.43
C VAL A 930 6.05 -20.60 -25.93
N ASN A 931 4.97 -21.13 -25.37
CA ASN A 931 4.90 -21.42 -23.94
C ASN A 931 5.26 -22.89 -23.71
N ILE A 932 6.56 -23.15 -23.53
CA ILE A 932 7.06 -24.50 -23.31
C ILE A 932 6.41 -25.14 -22.08
N TRP A 933 6.05 -24.33 -21.10
CA TRP A 933 5.42 -24.83 -19.88
C TRP A 933 4.01 -25.33 -20.15
N LEU A 934 3.41 -24.86 -21.24
CA LEU A 934 2.06 -25.29 -21.60
C LEU A 934 2.11 -26.65 -22.27
N LEU A 935 3.09 -26.81 -23.15
CA LEU A 935 3.28 -28.07 -23.87
C LEU A 935 3.54 -29.17 -22.84
N GLY A 936 4.55 -28.95 -22.00
CA GLY A 936 4.88 -29.92 -20.98
C GLY A 936 3.69 -30.12 -20.05
N SER A 937 2.84 -29.10 -19.96
CA SER A 937 1.66 -29.16 -19.10
C SER A 937 0.63 -30.13 -19.67
N ILE A 938 0.37 -30.03 -20.97
CA ILE A 938 -0.59 -30.91 -21.63
C ILE A 938 -0.14 -32.37 -21.54
N CYS A 939 1.18 -32.58 -21.54
CA CYS A 939 1.73 -33.92 -21.47
C CYS A 939 1.37 -34.57 -20.12
N LEU A 940 1.66 -33.88 -19.04
CA LEU A 940 1.38 -34.39 -17.71
C LEU A 940 -0.10 -34.69 -17.52
N SER A 941 -0.96 -33.98 -18.23
CA SER A 941 -2.40 -34.19 -18.14
C SER A 941 -2.81 -35.47 -18.87
N MET A 942 -2.28 -35.65 -20.08
CA MET A 942 -2.57 -36.83 -20.87
C MET A 942 -2.05 -38.07 -20.17
N SER A 943 -0.82 -37.98 -19.66
CA SER A 943 -0.19 -39.10 -18.96
C SER A 943 -1.06 -39.48 -17.76
N LEU A 944 -1.60 -38.47 -17.09
CA LEU A 944 -2.44 -38.72 -15.93
C LEU A 944 -3.82 -39.22 -16.35
N HIS A 945 -4.14 -39.07 -17.63
CA HIS A 945 -5.42 -39.54 -18.14
C HIS A 945 -5.29 -41.04 -18.37
N PHE A 946 -4.06 -41.47 -18.62
CA PHE A 946 -3.76 -42.88 -18.84
C PHE A 946 -3.66 -43.55 -17.48
N LEU A 947 -2.90 -42.91 -16.58
CA LEU A 947 -2.70 -43.42 -15.23
C LEU A 947 -4.02 -43.61 -14.48
N ILE A 948 -5.03 -42.84 -14.86
CA ILE A 948 -6.34 -42.95 -14.21
C ILE A 948 -7.15 -44.08 -14.85
N LEU A 949 -6.47 -44.89 -15.66
CA LEU A 949 -7.10 -46.01 -16.34
C LEU A 949 -6.37 -47.30 -15.99
N TYR A 950 -5.10 -47.38 -16.38
CA TYR A 950 -4.26 -48.55 -16.12
C TYR A 950 -4.35 -49.02 -14.67
N VAL A 951 -3.70 -48.29 -13.76
CA VAL A 951 -3.71 -48.65 -12.36
C VAL A 951 -5.15 -48.82 -11.88
N ASP A 952 -5.60 -50.08 -11.88
CA ASP A 952 -6.96 -50.47 -11.48
C ASP A 952 -7.55 -49.73 -10.28
N PRO A 953 -6.77 -49.57 -9.19
CA PRO A 953 -7.29 -48.88 -8.01
C PRO A 953 -7.92 -47.52 -8.34
N LEU A 954 -7.69 -47.03 -9.55
CA LEU A 954 -8.22 -45.74 -9.97
C LEU A 954 -9.51 -45.83 -10.81
N PRO A 955 -9.45 -46.48 -11.98
CA PRO A 955 -10.66 -46.59 -12.82
C PRO A 955 -11.85 -47.24 -12.12
N MET A 956 -11.62 -47.73 -10.90
CA MET A 956 -12.66 -48.36 -10.12
C MET A 956 -13.64 -47.32 -9.58
N ILE A 957 -13.09 -46.26 -8.99
CA ILE A 957 -13.91 -45.18 -8.43
C ILE A 957 -14.41 -44.27 -9.54
N PHE A 958 -13.62 -44.15 -10.61
CA PHE A 958 -14.00 -43.31 -11.74
C PHE A 958 -14.88 -44.07 -12.72
N LYS A 959 -14.91 -45.40 -12.59
CA LYS A 959 -15.71 -46.24 -13.49
C LYS A 959 -15.26 -46.00 -14.93
N LEU A 960 -14.00 -46.34 -15.20
CA LEU A 960 -13.42 -46.17 -16.53
C LEU A 960 -12.58 -47.38 -16.93
N LYS A 961 -12.40 -47.55 -18.25
CA LYS A 961 -11.61 -48.66 -18.76
C LYS A 961 -10.79 -48.22 -19.99
N ALA A 962 -9.48 -48.36 -19.88
CA ALA A 962 -8.56 -47.98 -20.97
C ALA A 962 -9.12 -48.32 -22.35
N LEU A 963 -8.84 -47.48 -23.32
CA LEU A 963 -9.24 -47.69 -24.72
C LEU A 963 -8.01 -47.99 -25.58
N ASP A 964 -8.23 -48.78 -26.62
CA ASP A 964 -7.17 -49.14 -27.55
C ASP A 964 -7.31 -48.30 -28.82
N LEU A 965 -6.37 -48.51 -29.72
CA LEU A 965 -6.35 -47.78 -30.98
C LEU A 965 -7.75 -47.74 -31.59
N THR A 966 -8.39 -48.87 -31.65
CA THR A 966 -9.72 -48.94 -32.23
C THR A 966 -10.61 -47.81 -31.62
N GLN A 967 -10.47 -47.53 -30.35
CA GLN A 967 -11.32 -46.50 -29.73
C GLN A 967 -10.62 -45.13 -29.57
N TRP A 968 -9.38 -45.16 -29.14
CA TRP A 968 -8.57 -43.94 -28.91
C TRP A 968 -8.38 -43.12 -30.20
N LEU A 969 -8.14 -43.80 -31.30
CA LEU A 969 -7.94 -43.10 -32.57
C LEU A 969 -9.18 -42.26 -32.88
N MET A 970 -10.32 -42.74 -32.42
CA MET A 970 -11.62 -42.06 -32.62
C MET A 970 -11.64 -40.69 -31.92
N VAL A 971 -11.13 -40.65 -30.70
CA VAL A 971 -11.10 -39.43 -29.88
C VAL A 971 -10.27 -38.33 -30.53
N LEU A 972 -9.15 -38.71 -31.07
CA LEU A 972 -8.26 -37.76 -31.71
C LEU A 972 -8.99 -37.08 -32.90
N LYS A 973 -9.94 -37.79 -33.50
CA LYS A 973 -10.68 -37.27 -34.67
C LYS A 973 -11.98 -36.51 -34.32
N ILE A 974 -12.36 -36.52 -33.06
CA ILE A 974 -13.60 -35.82 -32.64
C ILE A 974 -13.30 -34.51 -31.92
N SER A 975 -12.14 -34.48 -31.29
CA SER A 975 -11.69 -33.30 -30.53
C SER A 975 -10.80 -32.39 -31.39
N LEU A 976 -9.92 -33.03 -32.13
CA LEU A 976 -8.96 -32.32 -33.01
C LEU A 976 -9.68 -31.26 -33.87
N PRO A 977 -10.90 -31.44 -34.36
CA PRO A 977 -11.57 -30.43 -35.19
C PRO A 977 -11.87 -29.11 -34.49
N VAL A 978 -11.57 -29.03 -33.20
CA VAL A 978 -11.81 -27.81 -32.45
C VAL A 978 -10.81 -26.73 -32.86
N ILE A 979 -9.62 -27.17 -33.29
CA ILE A 979 -8.58 -26.25 -33.73
C ILE A 979 -9.03 -25.68 -35.07
N GLY A 980 -10.33 -25.70 -35.31
CA GLY A 980 -10.89 -25.18 -36.54
C GLY A 980 -12.01 -24.20 -36.28
N LEU A 981 -13.00 -24.64 -35.52
CA LEU A 981 -14.15 -23.78 -35.19
C LEU A 981 -13.62 -22.47 -34.63
N ASP A 982 -12.93 -22.57 -33.50
CA ASP A 982 -12.37 -21.40 -32.84
C ASP A 982 -11.32 -20.77 -33.76
N GLU A 983 -10.73 -21.60 -34.62
CA GLU A 983 -9.71 -21.12 -35.54
C GLU A 983 -10.32 -20.19 -36.60
N ILE A 984 -11.52 -20.54 -37.05
CA ILE A 984 -12.22 -19.73 -38.04
C ILE A 984 -12.77 -18.50 -37.33
N LEU A 985 -13.22 -18.70 -36.09
CA LEU A 985 -13.77 -17.62 -35.28
C LEU A 985 -12.70 -16.58 -34.94
N LYS A 986 -11.47 -17.04 -34.69
CA LYS A 986 -10.36 -16.15 -34.37
C LYS A 986 -10.00 -15.32 -35.60
N PHE A 987 -10.47 -15.76 -36.76
CA PHE A 987 -10.21 -15.06 -37.99
C PHE A 987 -11.27 -13.99 -38.21
N ILE A 988 -12.51 -14.34 -37.86
CA ILE A 988 -13.64 -13.43 -38.01
C ILE A 988 -13.44 -12.12 -37.26
N ALA A 989 -13.19 -12.23 -35.96
CA ALA A 989 -12.98 -11.06 -35.13
C ALA A 989 -11.79 -10.22 -35.58
N ARG A 990 -10.68 -10.88 -35.90
CA ARG A 990 -9.47 -10.17 -36.33
C ARG A 990 -9.48 -9.76 -37.79
N ASN A 991 -10.63 -9.85 -38.45
CA ASN A 991 -10.73 -9.47 -39.85
C ASN A 991 -12.12 -8.96 -40.22
N TYR A 992 -12.97 -8.78 -39.22
CA TYR A 992 -14.33 -8.29 -39.46
C TYR A 992 -14.90 -7.58 -38.24
N LEU A 993 -14.02 -7.14 -37.34
CA LEU A 993 -14.45 -6.44 -36.13
C LEU A 993 -13.44 -5.38 -35.71
N GLU A 994 -12.30 -5.82 -35.21
CA GLU A 994 -11.24 -4.90 -34.77
C GLU A 994 -10.00 -5.69 -34.37
N GLY A 995 -8.87 -5.00 -34.27
CA GLY A 995 -7.63 -5.65 -33.88
C GLY A 995 -6.87 -4.90 -32.81
MG MG B . 6.73 11.00 5.15
AL ALF C . 4.53 13.66 4.92
F1 ALF C . 3.90 12.84 6.32
F2 ALF C . 5.07 14.60 3.49
F3 ALF C . 6.18 12.97 5.15
F4 ALF C . 2.91 14.40 4.81
C34 TG1 D . -20.91 -11.22 -17.28
C11 TG1 D . -20.83 -12.70 -16.77
C7 TG1 D . -20.96 -13.81 -17.89
C8 TG1 D . -19.59 -14.15 -18.70
C9 TG1 D . -19.62 -15.19 -19.84
C10 TG1 D . -20.19 -16.65 -19.57
C1 TG1 D . -21.83 -16.67 -19.12
C2 TG1 D . -22.60 -18.03 -19.34
O1 TG1 D . -23.83 -17.79 -20.09
C13 TG1 D . -24.10 -18.38 -21.32
O2 TG1 D . -23.31 -18.98 -22.02
C14 TG1 D . -25.58 -18.17 -21.70
C15 TG1 D . -26.49 -19.38 -21.44
C16 TG1 D . -26.22 -20.67 -22.23
C17 TG1 D . -26.25 -21.92 -21.33
C18 TG1 D . -27.02 -23.10 -21.96
C19 TG1 D . -27.21 -24.31 -21.04
C20 TG1 D . -26.44 -25.55 -21.50
C3 TG1 D . -23.05 -18.53 -17.94
O3 TG1 D . -22.13 -19.68 -17.67
C21 TG1 D . -22.65 -20.86 -17.27
O4 TG1 D . -23.88 -21.15 -16.86
C22 TG1 D . -21.71 -22.02 -17.71
C23 TG1 D . -22.06 -22.44 -19.13
C24 TG1 D . -20.71 -22.68 -17.12
C25 TG1 D . -20.09 -22.52 -15.74
C4 TG1 D . -22.75 -17.33 -17.00
C26 TG1 D . -23.14 -17.42 -15.53
C5 TG1 D . -22.11 -16.33 -17.64
C6 TG1 D . -21.57 -14.99 -17.02
O5 TG1 D . -22.52 -14.27 -16.21
C12 TG1 D . -21.99 -13.08 -15.84
O12 TG1 D . -22.35 -12.42 -14.87
C31 TG1 D . -19.30 -17.48 -18.61
O9 TG1 D . -19.81 -17.46 -20.78
C32 TG1 D . -20.12 -17.42 -22.09
O10 TG1 D . -21.00 -16.76 -22.61
C33 TG1 D . -19.25 -18.34 -22.85
O7 TG1 D . -18.52 -14.51 -17.75
C27 TG1 D . -17.40 -13.73 -17.59
O8 TG1 D . -17.15 -12.68 -18.14
C28 TG1 D . -16.48 -14.42 -16.58
C29 TG1 D . -16.59 -13.92 -15.13
C30 TG1 D . -15.62 -14.73 -14.28
O6 TG1 D . -22.00 -13.38 -18.86
O11 TG1 D . -19.72 -12.78 -15.87
#